data_4QN7
#
_entry.id   4QN7
#
_cell.length_a   115.524
_cell.length_b   115.524
_cell.length_c   121.692
_cell.angle_alpha   90.00
_cell.angle_beta   90.00
_cell.angle_gamma   90.00
#
_symmetry.space_group_name_H-M   'P 4 21 2'
#
loop_
_entity.id
_entity.type
_entity.pdbx_description
1 polymer Neuraminidase
2 branched beta-D-mannopyranose-(1-4)-2-acetamido-2-deoxy-beta-D-glucopyranose-(1-4)-2-acetamido-2-deoxy-beta-D-glucopyranose
3 branched 2-acetamido-2-deoxy-beta-D-glucopyranose-(1-4)-2-acetamido-2-deoxy-beta-D-glucopyranose
4 non-polymer 'CALCIUM ION'
5 non-polymer 2-acetamido-2-deoxy-beta-D-glucopyranose
6 non-polymer '(3R,4R,5S)-4-(acetylamino)-5-amino-3-(pentan-3-yloxy)cyclohex-1-ene-1-carboxylic acid'
7 water water
#
_entity_poly.entity_id   1
_entity_poly.type   'polypeptide(L)'
_entity_poly.pdbx_seq_one_letter_code
;NYLMLNKSLCKVEGWVVVAKDNAIRFGESEQIIVTREPYVSCDPLGCKMYALHQGTTIRNKHSNGTIHDRTAFRGLISTP
LGSPPIVSNSDFLCVGWSSTSCHDGIGRMTICVQGNNDNATATVYYDRRLTTTIKTWAGNILRTQESECVCHNGTCVVIM
TDGSASSQAYTKVLYFHKGLVIKEEALKGSARHIEECSCYGHNSKVTCVCRDNWQGANRPVIEIDMNAMEHTSQYLCTGV
LTDTSRPSDKSIGDCNNPITGSPGAPGVKGFGFLDSGNTWLGRTISPRSRSGFEMLKIPNAGTDPNSRITERQEIVDNNN
WSGYSGSFIDYWDESSECYNPCFYVELIRGRPEEAKYVWWTSNSLVALCGSPVPVGSGSFPDGAQIQYFS
;
_entity_poly.pdbx_strand_id   A,B
#
# COMPACT_ATOMS: atom_id res chain seq x y z
N ASN A 1 -6.15 21.57 23.34
CA ASN A 1 -4.88 21.43 22.64
C ASN A 1 -4.56 19.98 22.35
N TYR A 2 -5.59 19.14 22.21
CA TYR A 2 -5.37 17.74 21.86
C TYR A 2 -4.75 17.63 20.47
N LEU A 3 -3.71 16.81 20.36
CA LEU A 3 -3.10 16.50 19.07
C LEU A 3 -4.11 15.84 18.16
N MET A 4 -4.28 16.38 16.96
CA MET A 4 -5.06 15.72 15.93
C MET A 4 -4.10 15.29 14.84
N LEU A 5 -4.09 14.00 14.50
CA LEU A 5 -3.21 13.51 13.45
C LEU A 5 -3.74 13.89 12.06
N ASN A 6 -3.64 15.17 11.72
CA ASN A 6 -4.21 15.66 10.47
C ASN A 6 -3.20 15.80 9.34
N LYS A 7 -2.03 15.17 9.50
CA LYS A 7 -0.97 15.34 8.51
C LYS A 7 -0.45 14.01 7.96
N SER A 8 0.16 14.07 6.78
CA SER A 8 0.82 12.91 6.19
C SER A 8 2.33 12.96 6.48
N LEU A 9 3.04 11.88 6.19
CA LEU A 9 4.49 11.85 6.35
C LEU A 9 5.18 12.73 5.30
N CYS A 10 6.26 13.39 5.68
CA CYS A 10 7.11 14.10 4.73
C CYS A 10 7.81 13.09 3.83
N LYS A 11 8.19 13.51 2.64
CA LYS A 11 9.03 12.68 1.79
C LYS A 11 10.43 12.63 2.39
N VAL A 12 11.02 11.44 2.42
CA VAL A 12 12.37 11.30 2.96
C VAL A 12 13.31 10.79 1.88
N GLU A 13 14.32 11.58 1.56
CA GLU A 13 15.32 11.19 0.57
C GLU A 13 16.60 10.73 1.27
N GLY A 14 16.72 11.06 2.56
CA GLY A 14 17.90 10.71 3.33
C GLY A 14 17.74 11.07 4.79
N TRP A 15 18.74 10.71 5.60
CA TRP A 15 18.68 10.88 7.05
C TRP A 15 19.90 11.59 7.60
N VAL A 16 19.69 12.47 8.59
CA VAL A 16 20.78 13.16 9.26
C VAL A 16 20.67 12.94 10.78
N VAL A 17 21.80 12.98 11.47
CA VAL A 17 21.83 12.82 12.94
C VAL A 17 21.46 14.11 13.67
N VAL A 18 20.48 14.04 14.56
CA VAL A 18 20.06 15.22 15.31
C VAL A 18 20.53 15.16 16.76
N ALA A 19 20.91 13.96 17.19
CA ALA A 19 21.32 13.78 18.59
C ALA A 19 22.14 12.51 18.72
N LYS A 20 23.14 12.58 19.58
CA LYS A 20 23.99 11.43 19.88
C LYS A 20 24.58 11.67 21.26
N ASP A 21 24.17 10.88 22.24
CA ASP A 21 24.51 11.18 23.63
C ASP A 21 25.90 10.72 24.07
N ASN A 22 26.52 9.83 23.30
CA ASN A 22 27.87 9.35 23.60
C ASN A 22 28.02 8.81 25.03
N ALA A 23 26.94 8.21 25.54
CA ALA A 23 26.86 7.78 26.94
C ALA A 23 27.98 6.87 27.41
N ILE A 24 28.45 5.97 26.57
CA ILE A 24 29.47 5.02 27.00
C ILE A 24 30.86 5.68 27.08
N ARG A 25 31.16 6.55 26.12
CA ARG A 25 32.42 7.30 26.15
C ARG A 25 32.51 8.12 27.43
N PHE A 26 31.48 8.92 27.70
CA PHE A 26 31.37 9.69 28.93
C PHE A 26 31.38 8.76 30.15
N GLY A 27 30.74 7.60 30.01
CA GLY A 27 30.61 6.65 31.10
C GLY A 27 31.92 6.07 31.60
N GLU A 28 33.01 6.35 30.89
CA GLU A 28 34.33 5.89 31.34
C GLU A 28 34.74 6.60 32.63
N SER A 29 34.24 7.81 32.84
CA SER A 29 34.63 8.55 34.05
C SER A 29 33.44 9.22 34.75
N GLU A 30 32.54 9.79 33.97
CA GLU A 30 31.37 10.45 34.54
C GLU A 30 30.36 9.42 35.02
N GLN A 31 29.52 9.79 35.98
CA GLN A 31 28.52 8.89 36.54
C GLN A 31 27.31 8.72 35.63
N ILE A 32 27.53 8.14 34.45
CA ILE A 32 26.46 7.84 33.51
C ILE A 32 25.60 6.67 33.98
N ILE A 33 24.29 6.86 33.97
CA ILE A 33 23.36 5.83 34.39
C ILE A 33 23.34 4.66 33.41
N VAL A 34 23.45 3.43 33.94
CA VAL A 34 23.34 2.23 33.10
C VAL A 34 21.91 2.06 32.60
N THR A 35 21.73 1.95 31.28
CA THR A 35 20.40 1.84 30.69
C THR A 35 20.32 0.78 29.59
N ARG A 36 19.10 0.46 29.17
CA ARG A 36 18.87 -0.25 27.91
C ARG A 36 17.47 0.07 27.41
N GLU A 37 17.13 -0.47 26.24
CA GLU A 37 15.87 -0.18 25.57
C GLU A 37 15.41 1.28 25.70
N PRO A 38 16.15 2.20 25.06
CA PRO A 38 15.84 3.63 25.07
C PRO A 38 14.89 4.01 23.96
N TYR A 39 14.38 5.23 24.01
CA TYR A 39 13.57 5.77 22.92
C TYR A 39 13.46 7.28 23.03
N VAL A 40 12.69 7.89 22.15
CA VAL A 40 12.54 9.34 22.10
C VAL A 40 11.05 9.67 22.00
N SER A 41 10.62 10.69 22.74
CA SER A 41 9.24 11.16 22.66
C SER A 41 9.24 12.68 22.71
N CYS A 42 8.43 13.29 21.85
CA CYS A 42 8.31 14.74 21.81
C CYS A 42 6.99 15.18 22.42
N ASP A 43 6.81 16.49 22.53
CA ASP A 43 5.59 17.10 23.06
C ASP A 43 5.71 18.59 22.73
N PRO A 44 4.68 19.41 23.04
CA PRO A 44 4.75 20.80 22.56
C PRO A 44 5.99 21.58 22.99
N LEU A 45 6.67 21.15 24.04
CA LEU A 45 7.80 21.90 24.59
C LEU A 45 9.18 21.36 24.16
N GLY A 46 9.20 20.24 23.45
CA GLY A 46 10.45 19.69 22.96
C GLY A 46 10.53 18.18 23.01
N CYS A 47 11.75 17.65 22.80
CA CYS A 47 11.95 16.20 22.76
C CYS A 47 12.91 15.73 23.84
N LYS A 48 12.66 14.53 24.37
CA LYS A 48 13.53 13.96 25.39
C LYS A 48 13.82 12.49 25.12
N MET A 49 14.99 12.04 25.56
CA MET A 49 15.33 10.62 25.52
C MET A 49 14.70 9.90 26.69
N TYR A 50 14.18 8.70 26.45
CA TYR A 50 13.61 7.87 27.50
C TYR A 50 14.38 6.57 27.53
N ALA A 51 14.59 6.00 28.71
CA ALA A 51 15.30 4.73 28.82
C ALA A 51 14.98 4.00 30.12
N LEU A 52 15.26 2.70 30.14
CA LEU A 52 15.12 1.90 31.36
C LEU A 52 16.45 1.81 32.08
N HIS A 53 16.59 2.56 33.16
CA HIS A 53 17.81 2.52 33.94
C HIS A 53 17.90 1.23 34.76
N GLN A 54 19.09 0.93 35.28
CA GLN A 54 19.33 -0.29 36.04
C GLN A 54 19.64 -0.02 37.51
N GLY A 55 19.34 1.18 37.99
CA GLY A 55 19.59 1.52 39.38
C GLY A 55 21.07 1.55 39.74
N THR A 56 21.90 1.94 38.76
CA THR A 56 23.34 2.04 38.96
C THR A 56 23.97 2.85 37.83
N THR A 57 25.22 3.23 38.02
CA THR A 57 26.00 3.84 36.94
C THR A 57 27.00 2.81 36.44
N ILE A 58 27.74 3.16 35.38
CA ILE A 58 28.69 2.22 34.79
C ILE A 58 29.89 1.93 35.69
N ARG A 59 30.59 2.99 36.10
CA ARG A 59 31.75 2.83 37.00
C ARG A 59 31.26 2.71 38.42
N ASN A 60 30.48 1.66 38.66
CA ASN A 60 29.83 1.39 39.93
C ASN A 60 29.83 -0.12 39.99
N LYS A 61 30.12 -0.69 41.17
CA LYS A 61 30.23 -2.15 41.26
C LYS A 61 28.90 -2.84 40.98
N HIS A 62 27.79 -2.10 41.13
CA HIS A 62 26.47 -2.63 40.83
C HIS A 62 26.21 -2.76 39.32
N SER A 63 27.12 -2.26 38.49
CA SER A 63 27.01 -2.45 37.05
C SER A 63 27.20 -3.92 36.68
N ASN A 64 27.83 -4.68 37.59
CA ASN A 64 27.99 -6.12 37.43
C ASN A 64 26.65 -6.83 37.52
N GLY A 65 26.23 -7.47 36.43
CA GLY A 65 24.97 -8.21 36.42
C GLY A 65 23.88 -7.53 35.60
N THR A 66 24.17 -6.36 35.06
CA THR A 66 23.17 -5.58 34.33
C THR A 66 22.74 -6.17 32.97
N ILE A 67 23.13 -7.41 32.67
CA ILE A 67 22.57 -8.07 31.47
C ILE A 67 21.15 -8.50 31.73
N HIS A 68 20.84 -8.71 33.01
CA HIS A 68 19.52 -9.15 33.40
C HIS A 68 18.46 -8.10 33.04
N ASP A 69 17.36 -8.57 32.50
CA ASP A 69 16.30 -7.68 31.99
C ASP A 69 15.43 -7.08 33.09
N ARG A 70 15.07 -7.89 34.08
CA ARG A 70 14.04 -7.49 35.03
C ARG A 70 14.48 -7.57 36.50
N THR A 71 14.66 -6.41 37.13
CA THR A 71 14.97 -6.36 38.55
C THR A 71 14.06 -5.33 39.22
N ALA A 72 14.05 -5.28 40.55
CA ALA A 72 13.27 -4.29 41.28
C ALA A 72 13.93 -2.91 41.25
N PHE A 73 15.11 -2.83 40.63
CA PHE A 73 15.91 -1.61 40.67
C PHE A 73 15.89 -0.89 39.33
N ARG A 74 14.99 -1.33 38.46
CA ARG A 74 14.80 -0.73 37.14
C ARG A 74 13.66 0.28 37.18
N GLY A 75 13.74 1.28 36.31
CA GLY A 75 12.72 2.31 36.23
C GLY A 75 12.87 3.05 34.93
N LEU A 76 11.96 3.99 34.68
CA LEU A 76 12.00 4.80 33.47
C LEU A 76 12.54 6.19 33.78
N ILE A 77 13.54 6.62 33.02
CA ILE A 77 14.02 7.99 33.13
C ILE A 77 13.82 8.74 31.82
N SER A 78 13.68 10.05 31.91
CA SER A 78 13.72 10.91 30.73
C SER A 78 14.86 11.89 30.93
N THR A 79 15.61 12.16 29.87
CA THR A 79 16.71 13.11 29.93
C THR A 79 16.69 13.94 28.65
N PRO A 80 17.21 15.18 28.70
CA PRO A 80 17.16 16.04 27.51
C PRO A 80 17.80 15.39 26.30
N LEU A 81 17.10 15.44 25.17
CA LEU A 81 17.58 14.77 23.95
C LEU A 81 18.97 15.24 23.57
N GLY A 82 19.89 14.30 23.40
CA GLY A 82 21.25 14.64 23.02
C GLY A 82 22.24 14.54 24.17
N SER A 83 21.75 14.65 25.40
CA SER A 83 22.59 14.53 26.58
C SER A 83 22.71 13.08 27.02
N PRO A 84 23.89 12.68 27.52
CA PRO A 84 24.00 11.38 28.20
C PRO A 84 23.27 11.45 29.54
N PRO A 85 22.71 10.32 30.01
CA PRO A 85 21.92 10.39 31.23
C PRO A 85 22.74 10.30 32.52
N ILE A 86 22.63 11.32 33.36
CA ILE A 86 23.19 11.27 34.72
C ILE A 86 22.06 11.61 35.67
N VAL A 87 22.24 11.36 36.97
CA VAL A 87 21.20 11.64 37.96
C VAL A 87 20.75 13.09 37.89
N SER A 88 21.72 13.99 37.70
CA SER A 88 21.47 15.43 37.74
C SER A 88 20.55 15.94 36.62
N ASN A 89 20.54 15.26 35.48
CA ASN A 89 19.72 15.70 34.36
C ASN A 89 18.58 14.76 34.03
N SER A 90 18.33 13.78 34.90
CA SER A 90 17.32 12.78 34.60
C SER A 90 16.09 12.83 35.50
N ASP A 91 14.94 12.66 34.88
CA ASP A 91 13.65 12.65 35.57
C ASP A 91 13.26 11.19 35.75
N PHE A 92 13.15 10.74 37.01
CA PHE A 92 12.77 9.36 37.27
C PHE A 92 11.24 9.24 37.28
N LEU A 93 10.70 8.66 36.21
CA LEU A 93 9.26 8.75 35.91
C LEU A 93 8.38 7.68 36.55
N CYS A 94 8.85 6.43 36.54
CA CYS A 94 8.12 5.32 37.14
C CYS A 94 9.06 4.15 37.35
N VAL A 95 8.58 3.13 38.06
CA VAL A 95 9.39 1.97 38.39
C VAL A 95 8.92 0.77 37.60
N GLY A 96 9.87 0.05 36.99
CA GLY A 96 9.53 -1.10 36.16
C GLY A 96 10.57 -1.47 35.12
N TRP A 97 10.30 -2.52 34.34
CA TRP A 97 11.29 -3.07 33.41
C TRP A 97 10.78 -3.18 31.98
N SER A 98 9.64 -2.54 31.72
CA SER A 98 9.13 -2.36 30.37
C SER A 98 8.30 -1.08 30.41
N SER A 99 8.32 -0.30 29.33
CA SER A 99 7.69 1.01 29.38
C SER A 99 7.24 1.53 28.02
N THR A 100 6.38 2.55 28.07
CA THR A 100 6.04 3.37 26.91
C THR A 100 5.61 4.73 27.43
N SER A 101 5.61 5.73 26.56
CA SER A 101 5.26 7.08 26.95
C SER A 101 4.86 7.90 25.72
N CYS A 102 3.89 8.79 25.87
CA CYS A 102 3.51 9.66 24.78
C CYS A 102 2.71 10.85 25.30
N HIS A 103 2.70 11.93 24.54
CA HIS A 103 1.98 13.14 24.91
C HIS A 103 0.76 13.29 24.01
N ASP A 104 -0.39 13.62 24.59
CA ASP A 104 -1.62 13.71 23.80
C ASP A 104 -1.92 15.13 23.32
N GLY A 105 -0.98 16.03 23.57
CA GLY A 105 -1.15 17.44 23.23
C GLY A 105 -1.42 18.28 24.46
N ILE A 106 -1.95 17.66 25.51
CA ILE A 106 -2.23 18.37 26.76
C ILE A 106 -1.48 17.75 27.95
N GLY A 107 -1.50 16.43 28.05
CA GLY A 107 -0.78 15.74 29.10
C GLY A 107 0.01 14.57 28.56
N ARG A 108 1.09 14.21 29.26
CA ARG A 108 1.85 13.02 28.88
C ARG A 108 1.30 11.82 29.63
N MET A 109 1.13 10.72 28.92
CA MET A 109 0.83 9.44 29.56
C MET A 109 2.09 8.58 29.51
N THR A 110 2.46 7.99 30.64
CA THR A 110 3.57 7.05 30.66
C THR A 110 3.20 5.79 31.44
N ILE A 111 3.78 4.67 31.02
CA ILE A 111 3.44 3.36 31.57
C ILE A 111 4.71 2.59 31.91
N CYS A 112 4.76 2.04 33.12
CA CYS A 112 5.85 1.14 33.51
C CYS A 112 5.23 -0.19 33.93
N VAL A 113 5.87 -1.30 33.56
CA VAL A 113 5.45 -2.60 34.08
C VAL A 113 6.44 -3.09 35.11
N GLN A 114 5.95 -3.40 36.31
CA GLN A 114 6.80 -3.78 37.42
C GLN A 114 6.38 -5.13 38.01
N GLY A 115 7.20 -5.69 38.89
CA GLY A 115 6.81 -6.87 39.63
C GLY A 115 7.38 -8.18 39.13
N ASN A 116 6.92 -9.27 39.73
CA ASN A 116 7.41 -10.60 39.39
C ASN A 116 6.97 -11.05 38.00
N ASN A 117 7.68 -12.03 37.46
CA ASN A 117 7.40 -12.55 36.12
C ASN A 117 5.98 -13.08 35.94
N ASP A 118 5.45 -13.78 36.95
CA ASP A 118 4.12 -14.37 36.85
C ASP A 118 2.99 -13.49 37.40
N ASN A 119 3.36 -12.38 38.03
CA ASN A 119 2.40 -11.55 38.74
C ASN A 119 2.73 -10.05 38.58
N ALA A 120 2.83 -9.61 37.33
CA ALA A 120 3.24 -8.24 37.02
C ALA A 120 2.06 -7.29 36.88
N THR A 121 2.30 -6.01 37.14
CA THR A 121 1.27 -4.99 36.96
C THR A 121 1.82 -3.76 36.24
N ALA A 122 1.05 -3.29 35.27
CA ALA A 122 1.40 -2.05 34.59
C ALA A 122 0.94 -0.87 35.43
N THR A 123 1.83 0.08 35.66
CA THR A 123 1.44 1.31 36.35
C THR A 123 1.31 2.41 35.30
N VAL A 124 0.15 3.06 35.29
CA VAL A 124 -0.15 4.10 34.28
C VAL A 124 -0.26 5.47 34.92
N TYR A 125 0.43 6.44 34.33
CA TYR A 125 0.43 7.81 34.85
C TYR A 125 -0.08 8.76 33.79
N TYR A 126 -0.80 9.79 34.22
CA TYR A 126 -1.17 10.87 33.33
C TYR A 126 -0.83 12.18 34.02
N ASP A 127 -0.08 13.03 33.32
CA ASP A 127 0.40 14.28 33.89
C ASP A 127 1.20 14.00 35.17
N ARG A 128 1.95 12.90 35.16
CA ARG A 128 2.85 12.51 36.25
C ARG A 128 2.13 12.05 37.53
N ARG A 129 0.84 11.72 37.41
CA ARG A 129 0.08 11.17 38.53
C ARG A 129 -0.46 9.79 38.18
N LEU A 130 -0.37 8.87 39.13
CA LEU A 130 -0.90 7.52 38.95
C LEU A 130 -2.39 7.61 38.63
N THR A 131 -2.81 6.96 37.55
CA THR A 131 -4.21 7.01 37.14
C THR A 131 -4.87 5.64 37.15
N THR A 132 -4.15 4.61 36.73
CA THR A 132 -4.69 3.26 36.73
C THR A 132 -3.61 2.19 36.77
N THR A 133 -4.02 0.96 37.10
CA THR A 133 -3.12 -0.18 37.11
C THR A 133 -3.75 -1.31 36.30
N ILE A 134 -2.92 -2.07 35.60
CA ILE A 134 -3.40 -3.18 34.79
C ILE A 134 -2.66 -4.45 35.14
N LYS A 135 -3.38 -5.41 35.71
CA LYS A 135 -2.77 -6.66 36.16
C LYS A 135 -2.46 -7.58 34.98
N THR A 136 -1.44 -8.42 35.13
CA THR A 136 -1.13 -9.44 34.13
C THR A 136 -2.37 -10.29 33.83
N TRP A 137 -2.62 -10.55 32.55
CA TRP A 137 -3.79 -11.33 32.15
C TRP A 137 -3.41 -12.74 31.68
N ALA A 138 -2.12 -12.94 31.43
CA ALA A 138 -1.63 -14.25 31.00
C ALA A 138 -0.62 -14.81 31.99
N GLY A 139 -0.17 -13.97 32.91
CA GLY A 139 0.73 -14.42 33.96
C GLY A 139 2.14 -14.76 33.51
N ASN A 140 2.63 -14.04 32.49
CA ASN A 140 4.00 -14.26 32.02
C ASN A 140 4.60 -13.00 31.38
N ILE A 141 5.20 -12.16 32.23
CA ILE A 141 5.91 -10.96 31.78
C ILE A 141 5.05 -10.04 30.92
N LEU A 142 4.00 -9.48 31.54
CA LEU A 142 3.24 -8.40 30.92
C LEU A 142 4.25 -7.37 30.46
N ARG A 143 4.12 -6.91 29.22
CA ARG A 143 5.17 -6.08 28.63
C ARG A 143 4.63 -5.23 27.48
N THR A 144 5.37 -4.19 27.12
CA THR A 144 4.90 -3.26 26.10
C THR A 144 5.98 -2.79 25.13
N GLN A 145 5.76 -1.62 24.53
CA GLN A 145 6.41 -1.22 23.28
C GLN A 145 7.91 -0.92 23.33
N GLU A 146 8.38 -0.33 24.44
CA GLU A 146 9.75 0.18 24.54
C GLU A 146 10.06 1.29 23.52
N SER A 147 9.01 1.98 23.09
CA SER A 147 9.16 3.23 22.34
C SER A 147 7.88 4.03 22.51
N GLU A 148 7.82 5.24 21.95
CA GLU A 148 6.68 6.12 22.24
C GLU A 148 5.36 5.61 21.69
N CYS A 149 4.29 5.76 22.47
CA CYS A 149 2.95 5.52 21.94
C CYS A 149 2.51 6.72 21.11
N VAL A 150 1.29 6.68 20.60
CA VAL A 150 0.78 7.77 19.76
C VAL A 150 -0.64 8.15 20.16
N CYS A 151 -0.99 9.42 20.02
CA CYS A 151 -2.29 9.92 20.47
C CYS A 151 -3.04 10.65 19.35
N HIS A 152 -4.35 10.73 19.50
CA HIS A 152 -5.20 11.42 18.53
C HIS A 152 -6.55 11.74 19.17
N ASN A 153 -6.96 13.01 19.08
CA ASN A 153 -8.24 13.45 19.62
C ASN A 153 -8.42 13.08 21.09
N GLY A 154 -7.34 13.08 21.85
CA GLY A 154 -7.40 12.78 23.26
C GLY A 154 -7.25 11.30 23.62
N THR A 155 -7.12 10.45 22.60
CA THR A 155 -6.97 9.02 22.81
C THR A 155 -5.60 8.54 22.37
N CYS A 156 -4.91 7.83 23.26
CA CYS A 156 -3.59 7.26 22.97
C CYS A 156 -3.64 5.74 22.85
N VAL A 157 -3.05 5.21 21.79
CA VAL A 157 -3.05 3.76 21.57
C VAL A 157 -1.74 3.12 22.05
N VAL A 158 -1.86 2.00 22.76
CA VAL A 158 -0.70 1.28 23.28
C VAL A 158 -0.83 -0.21 22.93
N ILE A 159 0.28 -0.82 22.49
CA ILE A 159 0.31 -2.26 22.23
C ILE A 159 1.01 -2.98 23.39
N MET A 160 0.32 -3.94 24.00
CA MET A 160 0.92 -4.74 25.08
C MET A 160 0.80 -6.23 24.79
N THR A 161 1.75 -7.00 25.32
CA THR A 161 1.75 -8.45 25.16
C THR A 161 1.92 -9.11 26.52
N ASP A 162 1.23 -10.22 26.74
CA ASP A 162 1.42 -11.03 27.94
C ASP A 162 1.43 -12.50 27.54
N GLY A 163 2.36 -13.26 28.10
CA GLY A 163 2.48 -14.67 27.76
C GLY A 163 3.84 -15.07 27.21
N SER A 164 3.89 -16.25 26.61
CA SER A 164 5.14 -16.83 26.13
C SER A 164 5.88 -15.99 25.08
N ALA A 165 7.20 -15.93 25.21
CA ALA A 165 8.03 -15.18 24.28
C ALA A 165 8.29 -15.97 23.00
N SER A 166 8.20 -17.29 23.08
CA SER A 166 8.64 -18.17 22.00
C SER A 166 7.51 -19.01 21.38
N SER A 167 6.26 -18.62 21.65
CA SER A 167 5.11 -19.29 21.07
C SER A 167 3.89 -18.37 21.18
N GLN A 168 2.69 -18.93 20.97
CA GLN A 168 1.48 -18.10 20.98
C GLN A 168 1.34 -17.33 22.29
N ALA A 169 1.00 -16.06 22.17
CA ALA A 169 0.86 -15.19 23.34
C ALA A 169 -0.40 -14.36 23.23
N TYR A 170 -0.62 -13.50 24.22
CA TYR A 170 -1.87 -12.74 24.28
C TYR A 170 -1.64 -11.24 24.23
N THR A 171 -1.74 -10.70 23.02
CA THR A 171 -1.51 -9.29 22.76
C THR A 171 -2.81 -8.51 22.75
N LYS A 172 -2.78 -7.34 23.35
CA LYS A 172 -3.95 -6.48 23.37
C LYS A 172 -3.62 -5.12 22.81
N VAL A 173 -4.60 -4.53 22.13
CA VAL A 173 -4.50 -3.15 21.68
C VAL A 173 -5.34 -2.30 22.63
N LEU A 174 -4.69 -1.42 23.38
CA LEU A 174 -5.36 -0.63 24.41
C LEU A 174 -5.49 0.83 23.98
N TYR A 175 -6.64 1.42 24.29
CA TYR A 175 -6.93 2.82 24.00
C TYR A 175 -7.11 3.56 25.31
N PHE A 176 -6.33 4.61 25.52
CA PHE A 176 -6.34 5.36 26.77
C PHE A 176 -6.83 6.78 26.57
N HIS A 177 -7.55 7.29 27.57
CA HIS A 177 -7.87 8.70 27.63
C HIS A 177 -7.53 9.20 29.02
N LYS A 178 -6.58 10.13 29.11
CA LYS A 178 -6.12 10.64 30.40
C LYS A 178 -5.67 9.52 31.34
N GLY A 179 -4.94 8.55 30.79
CA GLY A 179 -4.38 7.48 31.59
C GLY A 179 -5.37 6.44 32.08
N LEU A 180 -6.58 6.46 31.50
CA LEU A 180 -7.60 5.45 31.80
C LEU A 180 -7.89 4.62 30.55
N VAL A 181 -7.97 3.30 30.69
CA VAL A 181 -8.38 2.42 29.58
C VAL A 181 -9.85 2.67 29.24
N ILE A 182 -10.13 3.02 27.99
CA ILE A 182 -11.51 3.21 27.55
C ILE A 182 -11.95 2.12 26.56
N LYS A 183 -10.98 1.37 26.05
CA LYS A 183 -11.25 0.29 25.09
C LYS A 183 -10.07 -0.64 24.94
N GLU A 184 -10.36 -1.94 24.86
CA GLU A 184 -9.33 -2.93 24.63
C GLU A 184 -9.78 -3.91 23.54
N GLU A 185 -8.87 -4.26 22.65
CA GLU A 185 -9.13 -5.32 21.68
C GLU A 185 -8.01 -6.35 21.75
N ALA A 186 -8.39 -7.62 21.69
CA ALA A 186 -7.40 -8.67 21.47
C ALA A 186 -6.87 -8.49 20.06
N LEU A 187 -5.60 -8.85 19.86
CA LEU A 187 -4.99 -8.77 18.54
C LEU A 187 -5.84 -9.48 17.48
N LYS A 188 -6.08 -8.79 16.36
CA LYS A 188 -6.80 -9.39 15.24
C LYS A 188 -5.81 -9.49 14.08
N GLY A 189 -6.18 -10.23 13.05
CA GLY A 189 -5.34 -10.31 11.86
C GLY A 189 -4.42 -11.51 11.81
N SER A 190 -3.47 -11.46 10.88
CA SER A 190 -2.64 -12.61 10.56
C SER A 190 -1.29 -12.64 11.28
N ALA A 191 -0.94 -11.56 11.97
CA ALA A 191 0.29 -11.56 12.76
C ALA A 191 0.18 -12.61 13.84
N ARG A 192 1.16 -13.52 13.90
CA ARG A 192 1.11 -14.63 14.84
C ARG A 192 1.69 -14.31 16.20
N HIS A 193 2.62 -13.36 16.24
CA HIS A 193 3.23 -12.97 17.51
C HIS A 193 3.62 -11.50 17.44
N ILE A 194 3.39 -10.78 18.53
CA ILE A 194 3.64 -9.34 18.56
C ILE A 194 4.49 -8.94 19.76
N GLU A 195 5.63 -8.31 19.50
CA GLU A 195 6.46 -7.74 20.55
C GLU A 195 6.98 -6.36 20.14
N GLU A 196 7.10 -5.46 21.13
CA GLU A 196 7.91 -4.25 21.01
C GLU A 196 7.60 -3.40 19.77
N CYS A 197 6.34 -3.02 19.63
CA CYS A 197 5.90 -2.24 18.47
C CYS A 197 6.47 -0.83 18.41
N SER A 198 6.94 -0.46 17.23
CA SER A 198 7.36 0.91 16.95
C SER A 198 6.26 1.60 16.17
N CYS A 199 5.67 2.63 16.77
CA CYS A 199 4.47 3.24 16.21
C CYS A 199 4.66 4.71 15.84
N TYR A 200 3.89 5.15 14.83
CA TYR A 200 3.87 6.55 14.41
C TYR A 200 2.48 6.90 13.89
N GLY A 201 2.13 8.19 13.91
CA GLY A 201 0.81 8.63 13.50
C GLY A 201 0.79 9.38 12.19
N HIS A 202 -0.36 9.35 11.52
CA HIS A 202 -0.53 9.99 10.21
C HIS A 202 -1.99 9.92 9.79
N ASN A 203 -2.57 11.06 9.43
CA ASN A 203 -3.94 11.12 8.91
C ASN A 203 -4.95 10.30 9.72
N SER A 204 -5.03 10.57 11.02
CA SER A 204 -5.98 9.92 11.92
C SER A 204 -5.76 8.41 12.04
N LYS A 205 -4.57 7.96 11.69
CA LYS A 205 -4.22 6.54 11.82
C LYS A 205 -2.89 6.34 12.54
N VAL A 206 -2.67 5.14 13.05
CA VAL A 206 -1.38 4.79 13.63
C VAL A 206 -0.88 3.49 12.99
N THR A 207 0.36 3.52 12.53
CA THR A 207 0.99 2.33 11.98
C THR A 207 2.05 1.84 12.95
N CYS A 208 2.01 0.55 13.28
CA CYS A 208 3.00 -0.04 14.17
C CYS A 208 3.79 -1.12 13.45
N VAL A 209 5.12 -1.02 13.49
CA VAL A 209 5.97 -2.08 12.95
C VAL A 209 6.63 -2.81 14.12
N CYS A 210 6.44 -4.12 14.18
CA CYS A 210 6.73 -4.86 15.40
C CYS A 210 7.76 -5.98 15.26
N ARG A 211 7.79 -6.84 16.27
CA ARG A 211 8.75 -7.91 16.35
C ARG A 211 8.03 -9.24 16.54
N ASP A 212 8.15 -10.14 15.56
CA ASP A 212 7.69 -11.52 15.73
C ASP A 212 8.83 -12.31 16.34
N ASN A 213 8.72 -12.60 17.63
CA ASN A 213 9.80 -13.29 18.35
C ASN A 213 9.66 -14.81 18.26
N TRP A 214 8.63 -15.25 17.54
CA TRP A 214 8.27 -16.67 17.49
C TRP A 214 8.78 -17.36 16.23
N GLN A 215 8.22 -16.99 15.08
CA GLN A 215 8.51 -17.67 13.82
C GLN A 215 9.11 -16.75 12.77
N GLY A 216 8.68 -15.49 12.78
CA GLY A 216 8.94 -14.61 11.65
C GLY A 216 10.20 -13.76 11.66
N ALA A 217 10.92 -13.79 10.54
CA ALA A 217 12.05 -12.90 10.33
C ALA A 217 11.59 -11.68 9.54
N ASN A 218 10.40 -11.77 8.96
CA ASN A 218 9.72 -10.58 8.44
C ASN A 218 8.88 -9.94 9.54
N ARG A 219 8.81 -8.62 9.57
CA ARG A 219 8.18 -7.92 10.68
C ARG A 219 6.66 -7.86 10.57
N PRO A 220 5.96 -8.18 11.66
CA PRO A 220 4.50 -7.98 11.70
C PRO A 220 4.17 -6.49 11.70
N VAL A 221 2.98 -6.15 11.21
CA VAL A 221 2.54 -4.76 11.13
C VAL A 221 1.12 -4.66 11.68
N ILE A 222 0.88 -3.66 12.53
CA ILE A 222 -0.46 -3.40 13.05
C ILE A 222 -0.98 -2.08 12.50
N GLU A 223 -2.18 -2.11 11.93
CA GLU A 223 -2.80 -0.90 11.38
C GLU A 223 -3.96 -0.47 12.27
N ILE A 224 -3.95 0.77 12.74
CA ILE A 224 -4.98 1.25 13.65
C ILE A 224 -5.73 2.47 13.12
N ASP A 225 -7.06 2.37 13.06
CA ASP A 225 -7.93 3.50 12.77
C ASP A 225 -8.20 4.19 14.10
N MET A 226 -7.72 5.43 14.25
CA MET A 226 -7.78 6.09 15.56
C MET A 226 -9.15 6.70 15.91
N ASN A 227 -9.96 7.01 14.90
CA ASN A 227 -11.31 7.51 15.14
C ASN A 227 -12.29 6.39 15.50
N ALA A 228 -12.16 5.26 14.81
CA ALA A 228 -12.99 4.09 15.10
C ALA A 228 -12.42 3.24 16.22
N MET A 229 -11.14 3.44 16.53
CA MET A 229 -10.44 2.66 17.55
C MET A 229 -10.53 1.17 17.26
N GLU A 230 -10.24 0.82 16.02
CA GLU A 230 -10.20 -0.57 15.58
C GLU A 230 -8.87 -0.79 14.88
N HIS A 231 -8.42 -2.04 14.83
CA HIS A 231 -7.14 -2.34 14.23
C HIS A 231 -7.20 -3.63 13.42
N THR A 232 -6.16 -3.86 12.63
CA THR A 232 -5.94 -5.15 12.00
C THR A 232 -4.44 -5.39 11.94
N SER A 233 -4.02 -6.64 11.74
CA SER A 233 -2.59 -6.92 11.70
C SER A 233 -2.21 -7.78 10.50
N GLN A 234 -0.92 -7.77 10.19
CA GLN A 234 -0.43 -8.35 8.95
C GLN A 234 1.08 -8.50 9.10
N TYR A 235 1.75 -8.93 8.02
CA TYR A 235 3.20 -8.84 7.93
C TYR A 235 3.58 -7.86 6.83
N LEU A 236 4.80 -7.34 6.90
CA LEU A 236 5.35 -6.60 5.77
C LEU A 236 5.36 -7.52 4.56
N CYS A 237 5.10 -6.95 3.38
CA CYS A 237 5.03 -7.77 2.17
C CYS A 237 6.40 -8.13 1.58
N THR A 238 7.39 -7.26 1.74
CA THR A 238 8.70 -7.48 1.15
C THR A 238 9.33 -8.81 1.52
N GLY A 239 10.19 -9.29 0.64
CA GLY A 239 11.04 -10.42 0.94
C GLY A 239 12.36 -9.92 1.52
N VAL A 240 12.54 -8.61 1.52
CA VAL A 240 13.68 -8.01 2.22
C VAL A 240 13.39 -8.08 3.72
N LEU A 241 14.07 -9.01 4.39
CA LEU A 241 13.81 -9.29 5.80
C LEU A 241 14.55 -8.31 6.72
N THR A 242 13.84 -7.77 7.71
CA THR A 242 14.41 -6.70 8.53
C THR A 242 14.39 -6.97 10.04
N ASP A 243 14.11 -8.21 10.44
CA ASP A 243 14.32 -8.58 11.83
C ASP A 243 15.72 -9.18 11.98
N THR A 244 16.12 -9.48 13.22
CA THR A 244 17.39 -10.12 13.49
C THR A 244 17.20 -11.13 14.61
N SER A 245 17.55 -12.40 14.39
CA SER A 245 18.23 -12.84 13.17
C SER A 245 17.27 -13.13 12.03
N ARG A 246 17.82 -13.42 10.87
CA ARG A 246 17.03 -13.64 9.67
C ARG A 246 17.84 -14.43 8.63
N PRO A 247 17.14 -15.16 7.75
CA PRO A 247 17.81 -15.80 6.62
C PRO A 247 18.05 -14.76 5.51
N SER A 248 18.55 -15.19 4.36
CA SER A 248 18.79 -14.27 3.26
C SER A 248 17.46 -13.74 2.71
N ASP A 249 17.50 -12.56 2.10
CA ASP A 249 16.29 -11.97 1.52
C ASP A 249 15.69 -12.86 0.44
N LYS A 250 14.36 -12.87 0.36
CA LYS A 250 13.68 -13.65 -0.67
C LYS A 250 13.22 -12.74 -1.81
N SER A 251 13.06 -13.31 -2.99
CA SER A 251 12.53 -12.57 -4.14
C SER A 251 11.09 -12.19 -3.89
N ILE A 252 10.37 -13.09 -3.21
CA ILE A 252 8.96 -12.89 -2.96
C ILE A 252 8.68 -12.98 -1.46
N GLY A 253 8.08 -11.95 -0.90
CA GLY A 253 7.74 -11.94 0.52
C GLY A 253 6.34 -12.49 0.75
N ASP A 254 5.91 -12.48 2.01
CA ASP A 254 4.60 -13.01 2.37
C ASP A 254 3.84 -12.01 3.24
N CYS A 255 2.77 -11.44 2.69
CA CYS A 255 1.98 -10.42 3.38
C CYS A 255 1.24 -10.96 4.60
N ASN A 256 1.03 -12.28 4.65
CA ASN A 256 0.11 -12.84 5.64
C ASN A 256 0.66 -13.97 6.50
N ASN A 257 1.94 -14.33 6.30
CA ASN A 257 2.56 -15.40 7.07
C ASN A 257 4.02 -15.08 7.41
N PRO A 258 4.49 -15.58 8.55
CA PRO A 258 5.89 -15.36 8.93
C PRO A 258 6.82 -16.16 8.05
N ILE A 259 7.92 -15.53 7.63
CA ILE A 259 8.97 -16.22 6.88
C ILE A 259 10.02 -16.72 7.85
N THR A 260 10.20 -18.04 7.91
CA THR A 260 11.09 -18.67 8.87
C THR A 260 12.47 -18.92 8.28
N GLY A 261 13.36 -19.49 9.09
CA GLY A 261 14.70 -19.81 8.63
C GLY A 261 15.77 -19.22 9.53
N SER A 262 15.36 -18.32 10.41
CA SER A 262 16.26 -17.59 11.30
C SER A 262 17.31 -18.48 11.97
N PRO A 263 18.59 -18.12 11.83
CA PRO A 263 19.74 -18.85 12.37
C PRO A 263 19.65 -19.11 13.88
N GLY A 264 19.52 -18.05 14.66
CA GLY A 264 19.46 -18.17 16.11
C GLY A 264 18.55 -17.18 16.82
N ALA A 265 19.01 -15.94 16.95
CA ALA A 265 18.26 -14.93 17.67
C ALA A 265 16.86 -14.71 17.12
N PRO A 266 15.84 -14.89 17.97
CA PRO A 266 14.42 -14.85 17.61
C PRO A 266 13.89 -13.47 17.22
N GLY A 267 14.60 -12.40 17.57
CA GLY A 267 14.13 -11.07 17.23
C GLY A 267 14.90 -9.91 17.83
N VAL A 268 14.60 -8.72 17.31
CA VAL A 268 15.10 -7.47 17.86
C VAL A 268 14.05 -6.40 17.54
N LYS A 269 13.90 -5.42 18.43
CA LYS A 269 12.94 -4.34 18.17
C LYS A 269 13.38 -3.53 16.96
N GLY A 270 12.45 -3.27 16.05
CA GLY A 270 12.75 -2.48 14.86
C GLY A 270 11.57 -1.62 14.46
N PHE A 271 11.69 -0.94 13.32
CA PHE A 271 10.67 -0.01 12.87
C PHE A 271 10.63 0.09 11.35
N GLY A 272 9.63 0.79 10.85
CA GLY A 272 9.55 1.13 9.44
C GLY A 272 8.55 2.24 9.25
N PHE A 273 8.66 2.96 8.15
CA PHE A 273 7.70 4.00 7.78
C PHE A 273 7.09 3.61 6.45
N LEU A 274 5.79 3.33 6.47
CA LEU A 274 5.08 2.80 5.30
C LEU A 274 4.30 3.91 4.60
N ASP A 275 4.83 4.39 3.49
CA ASP A 275 4.19 5.48 2.75
C ASP A 275 4.38 5.31 1.25
N SER A 276 3.87 4.21 0.70
CA SER A 276 3.98 3.89 -0.72
C SER A 276 5.42 3.94 -1.23
N GLY A 277 5.67 4.78 -2.23
CA GLY A 277 7.01 4.97 -2.74
C GLY A 277 7.96 5.53 -1.70
N ASN A 278 7.42 6.30 -0.76
CA ASN A 278 8.20 6.88 0.33
C ASN A 278 8.27 5.92 1.53
N THR A 279 8.70 4.68 1.29
CA THR A 279 8.74 3.65 2.33
C THR A 279 10.18 3.27 2.73
N TRP A 280 10.48 3.42 4.03
CA TRP A 280 11.81 3.15 4.56
C TRP A 280 11.78 2.11 5.68
N LEU A 281 12.65 1.11 5.61
CA LEU A 281 12.77 0.13 6.70
C LEU A 281 14.16 0.16 7.33
N GLY A 282 14.22 -0.10 8.63
CA GLY A 282 15.49 -0.17 9.34
C GLY A 282 15.91 -1.62 9.52
N ARG A 283 17.20 -1.83 9.80
CA ARG A 283 17.76 -3.17 9.73
C ARG A 283 19.17 -3.19 10.29
N THR A 284 19.48 -4.17 11.13
CA THR A 284 20.88 -4.44 11.45
C THR A 284 21.54 -4.94 10.17
N ILE A 285 22.80 -4.57 9.95
CA ILE A 285 23.51 -5.01 8.75
C ILE A 285 23.80 -6.51 8.79
N SER A 286 24.27 -6.99 9.92
CA SER A 286 24.41 -8.43 10.14
C SER A 286 23.05 -9.09 10.24
N PRO A 287 22.86 -10.23 9.55
CA PRO A 287 21.60 -10.98 9.63
C PRO A 287 21.60 -11.91 10.82
N ARG A 288 22.70 -11.94 11.56
CA ARG A 288 22.86 -12.84 12.71
C ARG A 288 23.01 -12.10 14.03
N SER A 289 23.75 -11.00 14.00
CA SER A 289 24.06 -10.30 15.24
C SER A 289 23.54 -8.87 15.20
N ARG A 290 23.45 -8.25 16.38
CA ARG A 290 23.04 -6.85 16.47
C ARG A 290 24.24 -5.94 16.22
N SER A 291 24.74 -5.98 14.99
CA SER A 291 25.87 -5.16 14.59
C SER A 291 25.56 -4.41 13.30
N GLY A 292 25.92 -3.13 13.26
CA GLY A 292 25.62 -2.29 12.12
C GLY A 292 24.17 -1.86 12.09
N PHE A 293 23.89 -0.82 11.32
CA PHE A 293 22.50 -0.42 11.06
C PHE A 293 22.40 0.31 9.73
N GLU A 294 21.37 -0.03 8.97
CA GLU A 294 21.17 0.58 7.66
C GLU A 294 19.71 0.93 7.41
N MET A 295 19.51 2.06 6.74
CA MET A 295 18.18 2.45 6.30
C MET A 295 18.01 2.04 4.85
N LEU A 296 16.91 1.36 4.55
CA LEU A 296 16.64 0.88 3.20
C LEU A 296 15.36 1.51 2.67
N LYS A 297 15.42 2.07 1.46
CA LYS A 297 14.22 2.55 0.80
C LYS A 297 13.63 1.43 -0.05
N ILE A 298 12.44 0.97 0.33
CA ILE A 298 11.80 -0.13 -0.37
C ILE A 298 10.36 0.24 -0.71
N PRO A 299 10.15 0.81 -1.91
CA PRO A 299 8.82 1.27 -2.32
C PRO A 299 7.76 0.21 -2.15
N ASN A 300 6.67 0.57 -1.48
CA ASN A 300 5.53 -0.32 -1.28
C ASN A 300 5.86 -1.63 -0.58
N ALA A 301 6.86 -1.58 0.30
CA ALA A 301 7.26 -2.73 1.10
C ALA A 301 6.08 -3.27 1.90
N GLY A 302 5.14 -2.38 2.25
CA GLY A 302 3.98 -2.77 3.02
C GLY A 302 2.87 -3.43 2.22
N THR A 303 2.92 -3.31 0.89
CA THR A 303 1.85 -3.85 0.04
C THR A 303 2.31 -4.79 -1.08
N ASP A 304 3.56 -4.67 -1.51
CA ASP A 304 4.05 -5.43 -2.67
C ASP A 304 5.10 -6.51 -2.33
N PRO A 305 4.73 -7.79 -2.49
CA PRO A 305 5.60 -8.93 -2.17
C PRO A 305 6.83 -9.02 -3.08
N ASN A 306 6.82 -8.25 -4.16
CA ASN A 306 7.95 -8.22 -5.09
C ASN A 306 8.76 -6.92 -4.97
N SER A 307 8.47 -6.16 -3.91
CA SER A 307 9.22 -4.93 -3.64
C SER A 307 10.71 -5.15 -3.46
N ARG A 308 11.49 -4.16 -3.87
CA ARG A 308 12.95 -4.26 -3.93
C ARG A 308 13.56 -3.04 -3.26
N ILE A 309 14.79 -3.17 -2.78
CA ILE A 309 15.54 -2.03 -2.25
C ILE A 309 15.94 -1.12 -3.40
N THR A 310 15.73 0.18 -3.25
CA THR A 310 16.15 1.12 -4.28
C THR A 310 17.20 2.10 -3.78
N GLU A 311 17.12 2.46 -2.51
CA GLU A 311 18.13 3.32 -1.90
C GLU A 311 18.57 2.74 -0.56
N ARG A 312 19.80 3.04 -0.18
CA ARG A 312 20.35 2.55 1.07
C ARG A 312 21.22 3.61 1.72
N GLN A 313 21.05 3.81 3.03
CA GLN A 313 21.97 4.65 3.77
C GLN A 313 22.51 3.88 4.97
N GLU A 314 23.83 3.83 5.08
CA GLU A 314 24.46 3.22 6.24
C GLU A 314 24.49 4.20 7.40
N ILE A 315 24.00 3.76 8.56
CA ILE A 315 23.95 4.60 9.76
C ILE A 315 25.06 4.21 10.74
N VAL A 316 25.19 2.90 10.96
CA VAL A 316 26.26 2.36 11.78
C VAL A 316 26.91 1.23 10.98
N ASP A 317 28.22 1.33 10.75
CA ASP A 317 28.89 0.32 9.94
C ASP A 317 28.99 -1.02 10.66
N ASN A 318 29.20 -2.09 9.90
CA ASN A 318 29.11 -3.44 10.46
C ASN A 318 30.27 -3.85 11.38
N ASN A 319 31.20 -2.94 11.63
CA ASN A 319 32.26 -3.21 12.61
C ASN A 319 31.86 -2.72 14.01
N ASN A 320 30.60 -2.28 14.14
CA ASN A 320 30.13 -1.69 15.40
C ASN A 320 28.77 -2.23 15.84
N TRP A 321 28.55 -2.21 17.14
CA TRP A 321 27.33 -2.74 17.74
C TRP A 321 26.13 -1.80 17.63
N SER A 322 24.97 -2.38 17.35
CA SER A 322 23.73 -1.61 17.38
C SER A 322 22.82 -2.25 18.41
N GLY A 323 21.54 -2.40 18.05
CA GLY A 323 20.56 -2.97 18.95
C GLY A 323 19.16 -2.56 18.55
N TYR A 324 18.36 -2.15 19.52
CA TYR A 324 17.01 -1.71 19.25
C TYR A 324 16.96 -0.49 18.34
N SER A 325 15.85 -0.36 17.62
CA SER A 325 15.57 0.84 16.86
C SER A 325 14.07 1.07 16.86
N GLY A 326 13.67 2.33 16.88
CA GLY A 326 12.26 2.66 16.95
C GLY A 326 11.97 4.01 16.33
N SER A 327 10.69 4.26 16.10
CA SER A 327 10.26 5.47 15.42
C SER A 327 9.79 6.53 16.40
N PHE A 328 9.97 7.79 16.03
CA PHE A 328 9.35 8.90 16.75
C PHE A 328 9.13 10.06 15.79
N ILE A 329 8.21 10.96 16.15
CA ILE A 329 7.90 12.11 15.31
C ILE A 329 7.57 13.30 16.20
N ASP A 330 8.10 14.48 15.86
CA ASP A 330 7.65 15.70 16.51
C ASP A 330 6.31 16.10 15.92
N TYR A 331 5.23 15.78 16.62
CA TYR A 331 3.88 16.05 16.13
C TYR A 331 3.46 17.49 16.40
N TRP A 332 4.37 18.31 16.91
CA TRP A 332 4.03 19.69 17.25
C TRP A 332 4.95 20.67 16.53
N ASP A 333 5.43 20.28 15.36
CA ASP A 333 6.17 21.19 14.49
C ASP A 333 5.16 21.89 13.59
N GLU A 334 4.58 22.98 14.08
CA GLU A 334 3.48 23.65 13.41
C GLU A 334 3.90 24.43 12.16
N SER A 335 5.21 24.58 11.96
CA SER A 335 5.73 25.31 10.80
C SER A 335 5.94 24.41 9.58
N SER A 336 5.76 23.11 9.78
CA SER A 336 5.84 22.15 8.69
C SER A 336 4.46 21.58 8.39
N GLU A 337 4.14 21.40 7.12
CA GLU A 337 2.82 20.87 6.74
C GLU A 337 2.78 19.35 6.80
N CYS A 338 3.93 18.73 7.03
CA CYS A 338 4.01 17.27 7.11
C CYS A 338 4.70 16.79 8.39
N TYR A 339 4.40 15.56 8.78
CA TYR A 339 5.10 14.89 9.89
C TYR A 339 6.42 14.32 9.40
N ASN A 340 7.53 14.79 9.96
CA ASN A 340 8.84 14.28 9.53
C ASN A 340 9.25 13.03 10.31
N PRO A 341 9.42 11.91 9.59
CA PRO A 341 9.89 10.67 10.19
C PRO A 341 11.23 10.84 10.91
N CYS A 342 11.29 10.38 12.15
CA CYS A 342 12.54 10.31 12.90
C CYS A 342 12.68 8.92 13.50
N PHE A 343 13.90 8.53 13.82
CA PHE A 343 14.12 7.25 14.49
C PHE A 343 15.37 7.29 15.35
N TYR A 344 15.47 6.34 16.28
CA TYR A 344 16.65 6.22 17.12
C TYR A 344 17.25 4.84 16.93
N VAL A 345 18.55 4.72 17.18
CA VAL A 345 19.19 3.41 17.22
C VAL A 345 19.84 3.23 18.58
N GLU A 346 19.49 2.15 19.27
CA GLU A 346 20.16 1.79 20.52
C GLU A 346 21.50 1.16 20.20
N LEU A 347 22.57 1.68 20.79
CA LEU A 347 23.91 1.17 20.53
C LEU A 347 24.41 0.38 21.74
N ILE A 348 24.14 -0.92 21.76
CA ILE A 348 24.41 -1.74 22.94
C ILE A 348 25.88 -2.10 23.11
N ARG A 349 26.39 -1.85 24.31
CA ARG A 349 27.77 -2.18 24.62
C ARG A 349 27.80 -3.11 25.82
N GLY A 350 28.89 -3.87 25.95
CA GLY A 350 29.00 -4.83 27.03
C GLY A 350 28.40 -6.17 26.65
N ARG A 351 27.84 -6.85 27.66
CA ARG A 351 27.39 -8.22 27.49
C ARG A 351 26.11 -8.31 26.66
N PRO A 352 25.89 -9.47 25.99
CA PRO A 352 26.71 -10.68 26.04
C PRO A 352 27.90 -10.58 25.09
N GLU A 353 27.79 -9.69 24.11
CA GLU A 353 28.73 -9.67 23.01
C GLU A 353 30.17 -9.31 23.41
N GLU A 354 30.31 -8.45 24.41
CA GLU A 354 31.65 -8.04 24.85
C GLU A 354 31.94 -8.55 26.26
N ALA A 355 31.49 -9.78 26.53
CA ALA A 355 31.63 -10.40 27.84
C ALA A 355 33.08 -10.53 28.30
N LYS A 356 34.01 -10.63 27.36
CA LYS A 356 35.42 -10.83 27.73
C LYS A 356 36.08 -9.54 28.20
N TYR A 357 35.43 -8.40 27.99
CA TYR A 357 36.01 -7.11 28.38
C TYR A 357 35.39 -6.56 29.65
N VAL A 358 34.15 -6.97 29.92
CA VAL A 358 33.29 -6.18 30.79
C VAL A 358 32.16 -7.04 31.41
N TRP A 359 31.69 -6.64 32.59
CA TRP A 359 30.62 -7.35 33.29
C TRP A 359 29.26 -6.67 33.19
N TRP A 360 29.21 -5.53 32.51
CA TRP A 360 27.97 -4.76 32.40
C TRP A 360 27.44 -4.77 30.97
N THR A 361 26.17 -4.39 30.80
CA THR A 361 25.70 -3.99 29.49
C THR A 361 24.89 -2.71 29.62
N SER A 362 25.17 -1.79 28.71
CA SER A 362 24.47 -0.53 28.68
C SER A 362 24.39 -0.11 27.22
N ASN A 363 24.00 1.13 26.97
CA ASN A 363 23.86 1.57 25.59
C ASN A 363 24.07 3.06 25.47
N SER A 364 24.43 3.49 24.27
CA SER A 364 24.32 4.90 23.93
C SER A 364 23.24 5.05 22.88
N LEU A 365 23.00 6.28 22.45
CA LEU A 365 21.87 6.57 21.60
C LEU A 365 22.29 7.47 20.46
N VAL A 366 21.83 7.16 19.25
CA VAL A 366 21.90 8.09 18.13
C VAL A 366 20.50 8.27 17.55
N ALA A 367 20.11 9.51 17.30
CA ALA A 367 18.78 9.81 16.77
C ALA A 367 18.86 10.55 15.44
N LEU A 368 18.03 10.12 14.49
CA LEU A 368 18.07 10.64 13.12
C LEU A 368 16.71 11.19 12.73
N CYS A 369 16.69 12.21 11.87
CA CYS A 369 15.44 12.68 11.28
C CYS A 369 15.57 12.74 9.76
N GLY A 370 14.44 12.71 9.07
CA GLY A 370 14.46 12.66 7.62
C GLY A 370 14.72 14.01 6.97
N SER A 371 15.17 13.94 5.72
CA SER A 371 15.30 15.12 4.88
C SER A 371 14.66 14.82 3.53
N PRO A 372 13.91 15.79 3.00
CA PRO A 372 13.21 15.64 1.71
C PRO A 372 14.18 15.75 0.54
N VAL A 373 15.45 16.03 0.83
CA VAL A 373 16.46 16.27 -0.19
C VAL A 373 17.71 15.40 0.06
N PRO A 374 18.43 15.02 -1.00
CA PRO A 374 19.65 14.20 -0.84
C PRO A 374 20.62 14.76 0.20
N VAL A 375 21.22 13.88 1.00
CA VAL A 375 22.17 14.29 2.02
C VAL A 375 23.48 13.55 1.82
N GLY A 376 24.49 13.90 2.61
CA GLY A 376 25.79 13.24 2.53
C GLY A 376 25.78 11.92 3.26
N SER A 377 26.96 11.44 3.66
CA SER A 377 27.07 10.16 4.33
C SER A 377 27.92 10.22 5.59
N GLY A 378 27.84 9.18 6.41
CA GLY A 378 28.61 9.10 7.64
C GLY A 378 28.12 8.02 8.58
N SER A 379 29.06 7.41 9.29
CA SER A 379 28.77 6.37 10.26
C SER A 379 28.81 6.95 11.68
N PHE A 380 27.86 6.56 12.52
CA PHE A 380 27.79 7.12 13.87
C PHE A 380 27.70 6.03 14.96
N PRO A 381 28.82 5.31 15.17
CA PRO A 381 28.83 4.22 16.15
C PRO A 381 28.94 4.76 17.57
N ASP A 382 28.91 3.85 18.55
CA ASP A 382 28.98 4.24 19.95
C ASP A 382 30.24 5.02 20.27
N GLY A 383 31.39 4.52 19.81
CA GLY A 383 32.63 5.28 19.90
C GLY A 383 33.49 5.08 21.14
N ALA A 384 33.05 4.20 22.02
CA ALA A 384 33.85 3.89 23.21
C ALA A 384 34.84 2.79 22.92
N GLN A 385 36.01 2.88 23.56
CA GLN A 385 36.99 1.79 23.53
C GLN A 385 36.70 0.89 24.72
N ILE A 386 36.10 -0.27 24.47
CA ILE A 386 35.66 -1.15 25.55
C ILE A 386 36.82 -1.58 26.47
N GLN A 387 38.04 -1.62 25.93
CA GLN A 387 39.21 -2.03 26.70
C GLN A 387 39.48 -1.08 27.86
N TYR A 388 39.08 0.18 27.71
CA TYR A 388 39.25 1.18 28.76
C TYR A 388 38.53 0.78 30.05
N PHE A 389 37.53 -0.09 29.92
CA PHE A 389 36.67 -0.48 31.03
C PHE A 389 37.09 -1.78 31.73
N SER A 390 38.06 -2.48 31.15
CA SER A 390 38.49 -3.78 31.69
C SER A 390 39.22 -3.66 33.02
N ASN B 1 -25.31 18.08 -33.34
CA ASN B 1 -25.28 16.63 -33.34
C ASN B 1 -24.65 16.00 -32.10
N TYR B 2 -25.05 16.49 -30.92
CA TYR B 2 -24.65 15.86 -29.66
C TYR B 2 -25.30 14.49 -29.55
N LEU B 3 -24.53 13.52 -29.08
CA LEU B 3 -25.06 12.18 -28.83
C LEU B 3 -26.07 12.24 -27.69
N MET B 4 -27.27 11.72 -27.94
CA MET B 4 -28.25 11.51 -26.89
C MET B 4 -28.39 10.01 -26.66
N LEU B 5 -28.15 9.55 -25.43
CA LEU B 5 -28.30 8.14 -25.12
C LEU B 5 -29.77 7.76 -25.08
N ASN B 6 -30.35 7.50 -26.25
CA ASN B 6 -31.79 7.29 -26.36
C ASN B 6 -32.18 5.85 -26.68
N LYS B 7 -31.23 4.92 -26.56
CA LYS B 7 -31.49 3.53 -26.89
C LYS B 7 -31.15 2.59 -25.74
N SER B 8 -31.75 1.40 -25.75
CA SER B 8 -31.42 0.36 -24.80
C SER B 8 -30.39 -0.57 -25.44
N LEU B 9 -29.81 -1.46 -24.63
CA LEU B 9 -28.86 -2.44 -25.15
C LEU B 9 -29.58 -3.48 -26.01
N CYS B 10 -28.92 -3.91 -27.10
CA CYS B 10 -29.44 -5.02 -27.88
C CYS B 10 -29.41 -6.30 -27.05
N LYS B 11 -30.27 -7.25 -27.39
CA LYS B 11 -30.20 -8.56 -26.79
C LYS B 11 -28.93 -9.26 -27.28
N VAL B 12 -28.23 -9.92 -26.37
CA VAL B 12 -26.99 -10.61 -26.74
C VAL B 12 -27.07 -12.09 -26.39
N GLU B 13 -26.94 -12.94 -27.41
CA GLU B 13 -27.00 -14.38 -27.23
C GLU B 13 -25.63 -15.02 -27.43
N GLY B 14 -24.73 -14.29 -28.07
CA GLY B 14 -23.37 -14.75 -28.30
C GLY B 14 -22.47 -13.62 -28.76
N TRP B 15 -21.17 -13.90 -28.88
CA TRP B 15 -20.19 -12.87 -29.23
C TRP B 15 -19.36 -13.30 -30.43
N VAL B 16 -19.09 -12.37 -31.33
CA VAL B 16 -18.21 -12.63 -32.48
C VAL B 16 -17.05 -11.65 -32.49
N VAL B 17 -15.93 -12.06 -33.10
CA VAL B 17 -14.73 -11.24 -33.16
C VAL B 17 -14.79 -10.26 -34.32
N VAL B 18 -14.61 -8.97 -34.03
CA VAL B 18 -14.69 -7.96 -35.07
C VAL B 18 -13.32 -7.40 -35.43
N ALA B 19 -12.37 -7.58 -34.52
CA ALA B 19 -11.01 -7.07 -34.71
C ALA B 19 -10.02 -7.85 -33.87
N LYS B 20 -8.81 -8.01 -34.40
CA LYS B 20 -7.71 -8.67 -33.71
C LYS B 20 -6.43 -8.20 -34.37
N ASP B 21 -5.59 -7.48 -33.63
CA ASP B 21 -4.45 -6.81 -34.26
C ASP B 21 -3.18 -7.64 -34.38
N ASN B 22 -3.16 -8.79 -33.72
CA ASN B 22 -2.03 -9.72 -33.79
C ASN B 22 -0.68 -9.03 -33.59
N ALA B 23 -0.65 -8.07 -32.68
CA ALA B 23 0.49 -7.15 -32.53
C ALA B 23 1.81 -7.82 -32.16
N ILE B 24 1.76 -8.79 -31.24
CA ILE B 24 2.98 -9.45 -30.82
C ILE B 24 3.55 -10.30 -31.96
N ARG B 25 2.66 -11.01 -32.66
CA ARG B 25 3.07 -11.82 -33.83
C ARG B 25 3.78 -10.97 -34.87
N PHE B 26 3.15 -9.86 -35.24
CA PHE B 26 3.78 -8.92 -36.18
C PHE B 26 5.05 -8.33 -35.56
N GLY B 27 5.03 -8.13 -34.25
CA GLY B 27 6.12 -7.46 -33.56
C GLY B 27 7.42 -8.24 -33.44
N GLU B 28 7.45 -9.46 -33.96
CA GLU B 28 8.70 -10.23 -34.00
C GLU B 28 9.61 -9.68 -35.10
N SER B 29 9.01 -8.94 -36.01
CA SER B 29 9.67 -8.52 -37.24
C SER B 29 9.47 -7.02 -37.45
N GLU B 30 8.20 -6.63 -37.53
CA GLU B 30 7.81 -5.25 -37.82
C GLU B 30 7.92 -4.37 -36.57
N GLN B 31 8.10 -3.07 -36.77
CA GLN B 31 8.28 -2.12 -35.67
C GLN B 31 6.98 -1.83 -34.92
N ILE B 32 6.49 -2.82 -34.18
CA ILE B 32 5.24 -2.66 -33.44
C ILE B 32 5.48 -1.91 -32.13
N ILE B 33 4.70 -0.87 -31.89
CA ILE B 33 4.85 -0.07 -30.68
C ILE B 33 4.48 -0.85 -29.42
N VAL B 34 5.38 -0.85 -28.43
CA VAL B 34 5.10 -1.48 -27.14
C VAL B 34 3.97 -0.74 -26.41
N THR B 35 2.93 -1.47 -26.04
CA THR B 35 1.76 -0.86 -25.41
C THR B 35 1.26 -1.67 -24.21
N ARG B 36 0.35 -1.06 -23.44
CA ARG B 36 -0.50 -1.81 -22.51
C ARG B 36 -1.77 -1.01 -22.23
N GLU B 37 -2.64 -1.57 -21.39
CA GLU B 37 -3.97 -1.00 -21.12
C GLU B 37 -4.64 -0.35 -22.34
N PRO B 38 -4.97 -1.16 -23.35
CA PRO B 38 -5.64 -0.68 -24.56
C PRO B 38 -7.13 -0.61 -24.37
N TYR B 39 -7.84 0.01 -25.32
CA TYR B 39 -9.29 0.02 -25.35
C TYR B 39 -9.79 0.44 -26.73
N VAL B 40 -11.11 0.47 -26.89
CA VAL B 40 -11.73 0.86 -28.15
C VAL B 40 -12.71 2.02 -27.93
N SER B 41 -12.70 3.00 -28.84
CA SER B 41 -13.66 4.08 -28.79
C SER B 41 -14.14 4.42 -30.18
N CYS B 42 -15.45 4.62 -30.33
CA CYS B 42 -16.04 4.96 -31.62
C CYS B 42 -16.48 6.41 -31.67
N ASP B 43 -16.80 6.88 -32.87
CA ASP B 43 -17.37 8.20 -33.09
C ASP B 43 -18.11 8.13 -34.43
N PRO B 44 -18.77 9.23 -34.86
CA PRO B 44 -19.53 9.15 -36.12
C PRO B 44 -18.77 8.62 -37.33
N LEU B 45 -17.45 8.79 -37.38
CA LEU B 45 -16.67 8.38 -38.54
C LEU B 45 -16.16 6.94 -38.46
N GLY B 46 -16.22 6.35 -37.26
CA GLY B 46 -15.77 4.98 -37.08
C GLY B 46 -15.21 4.65 -35.71
N CYS B 47 -14.49 3.54 -35.62
CA CYS B 47 -13.91 3.09 -34.36
C CYS B 47 -12.40 2.95 -34.45
N LYS B 48 -11.72 3.17 -33.35
CA LYS B 48 -10.26 3.05 -33.32
C LYS B 48 -9.79 2.38 -32.04
N MET B 49 -8.58 1.83 -32.08
CA MET B 49 -7.97 1.29 -30.88
C MET B 49 -7.19 2.40 -30.19
N TYR B 50 -7.21 2.36 -28.87
CA TYR B 50 -6.48 3.31 -28.05
C TYR B 50 -5.58 2.50 -27.13
N ALA B 51 -4.38 3.01 -26.83
CA ALA B 51 -3.45 2.28 -25.98
C ALA B 51 -2.39 3.21 -25.40
N LEU B 52 -1.81 2.80 -24.28
CA LEU B 52 -0.70 3.54 -23.69
C LEU B 52 0.61 2.98 -24.20
N HIS B 53 1.31 3.75 -25.01
CA HIS B 53 2.58 3.29 -25.58
C HIS B 53 3.71 3.50 -24.59
N GLN B 54 4.84 2.85 -24.82
CA GLN B 54 5.96 2.90 -23.89
C GLN B 54 7.18 3.65 -24.45
N GLY B 55 6.96 4.39 -25.54
CA GLY B 55 8.04 5.15 -26.15
C GLY B 55 9.11 4.27 -26.75
N THR B 56 8.71 3.10 -27.23
CA THR B 56 9.63 2.14 -27.86
C THR B 56 8.84 1.12 -28.65
N THR B 57 9.53 0.35 -29.48
CA THR B 57 8.91 -0.81 -30.12
C THR B 57 9.43 -2.07 -29.44
N ILE B 58 8.91 -3.23 -29.82
CA ILE B 58 9.30 -4.50 -29.21
C ILE B 58 10.74 -4.91 -29.51
N ARG B 59 11.10 -4.92 -30.80
CA ARG B 59 12.46 -5.28 -31.22
C ARG B 59 13.35 -4.05 -31.17
N ASN B 60 13.40 -3.45 -29.99
CA ASN B 60 14.14 -2.21 -29.75
C ASN B 60 14.71 -2.43 -28.36
N LYS B 61 15.95 -2.03 -28.15
CA LYS B 61 16.59 -2.29 -26.86
C LYS B 61 15.85 -1.61 -25.69
N HIS B 62 15.12 -0.54 -25.97
CA HIS B 62 14.38 0.17 -24.93
C HIS B 62 13.15 -0.59 -24.44
N SER B 63 12.83 -1.71 -25.08
CA SER B 63 11.71 -2.54 -24.66
C SER B 63 12.03 -3.20 -23.32
N ASN B 64 13.32 -3.29 -23.02
CA ASN B 64 13.79 -3.83 -21.75
C ASN B 64 13.35 -2.92 -20.61
N GLY B 65 12.48 -3.45 -19.74
CA GLY B 65 12.02 -2.71 -18.59
C GLY B 65 10.62 -2.16 -18.74
N THR B 66 9.93 -2.56 -19.81
CA THR B 66 8.59 -2.03 -20.08
C THR B 66 7.49 -2.65 -19.22
N ILE B 67 7.86 -3.34 -18.14
CA ILE B 67 6.86 -3.80 -17.17
C ILE B 67 6.43 -2.64 -16.31
N HIS B 68 7.32 -1.66 -16.17
CA HIS B 68 7.05 -0.49 -15.35
C HIS B 68 5.82 0.25 -15.88
N ASP B 69 5.00 0.76 -14.97
CA ASP B 69 3.73 1.35 -15.34
C ASP B 69 3.82 2.80 -15.80
N ARG B 70 4.65 3.58 -15.11
CA ARG B 70 4.64 5.03 -15.29
C ARG B 70 6.02 5.60 -15.57
N THR B 71 6.20 6.12 -16.79
CA THR B 71 7.43 6.80 -17.17
C THR B 71 7.09 8.06 -17.96
N ALA B 72 8.09 8.90 -18.20
CA ALA B 72 7.89 10.12 -18.96
C ALA B 72 7.73 9.83 -20.45
N PHE B 73 7.99 8.59 -20.85
CA PHE B 73 8.04 8.22 -22.26
C PHE B 73 6.76 7.51 -22.67
N ARG B 74 5.77 7.59 -21.79
CA ARG B 74 4.46 6.99 -22.02
C ARG B 74 3.52 8.04 -22.60
N GLY B 75 2.60 7.60 -23.44
CA GLY B 75 1.58 8.47 -24.00
C GLY B 75 0.42 7.66 -24.55
N LEU B 76 -0.61 8.37 -24.99
CA LEU B 76 -1.80 7.72 -25.58
C LEU B 76 -1.74 7.78 -27.10
N ILE B 77 -1.88 6.63 -27.74
CA ILE B 77 -2.01 6.59 -29.20
C ILE B 77 -3.36 6.03 -29.59
N SER B 78 -3.86 6.45 -30.76
CA SER B 78 -4.98 5.79 -31.39
C SER B 78 -4.52 5.24 -32.75
N THR B 79 -5.00 4.06 -33.10
CA THR B 79 -4.67 3.43 -34.38
C THR B 79 -5.93 2.76 -34.89
N PRO B 80 -6.08 2.65 -36.23
CA PRO B 80 -7.33 2.10 -36.78
C PRO B 80 -7.65 0.73 -36.20
N LEU B 81 -8.91 0.51 -35.84
CA LEU B 81 -9.30 -0.74 -35.19
C LEU B 81 -8.99 -1.93 -36.09
N GLY B 82 -8.31 -2.92 -35.54
CA GLY B 82 -7.94 -4.10 -36.30
C GLY B 82 -6.48 -4.13 -36.69
N SER B 83 -5.87 -2.95 -36.82
CA SER B 83 -4.45 -2.83 -37.16
C SER B 83 -3.58 -2.89 -35.91
N PRO B 84 -2.40 -3.51 -36.03
CA PRO B 84 -1.37 -3.41 -34.99
C PRO B 84 -0.76 -2.02 -35.02
N PRO B 85 -0.35 -1.49 -33.86
CA PRO B 85 0.17 -0.12 -33.83
C PRO B 85 1.62 0.03 -34.30
N ILE B 86 1.83 0.86 -35.31
CA ILE B 86 3.16 1.28 -35.71
C ILE B 86 3.12 2.80 -35.82
N VAL B 87 4.28 3.44 -35.89
CA VAL B 87 4.34 4.90 -35.95
C VAL B 87 3.53 5.45 -37.12
N SER B 88 3.55 4.75 -38.25
CA SER B 88 2.87 5.19 -39.48
C SER B 88 1.36 5.35 -39.32
N ASN B 89 0.73 4.38 -38.65
CA ASN B 89 -0.72 4.39 -38.51
C ASN B 89 -1.22 4.86 -37.15
N SER B 90 -0.32 5.42 -36.35
CA SER B 90 -0.69 5.81 -35.00
C SER B 90 -0.73 7.32 -34.76
N ASP B 91 -1.79 7.74 -34.06
CA ASP B 91 -2.03 9.13 -33.71
C ASP B 91 -1.60 9.33 -32.26
N PHE B 92 -0.57 10.14 -32.03
CA PHE B 92 -0.07 10.38 -30.67
C PHE B 92 -0.85 11.52 -30.01
N LEU B 93 -1.86 11.16 -29.22
CA LEU B 93 -2.89 12.11 -28.76
C LEU B 93 -2.48 12.98 -27.57
N CYS B 94 -1.81 12.39 -26.60
CA CYS B 94 -1.34 13.13 -25.42
C CYS B 94 -0.25 12.36 -24.70
N VAL B 95 0.35 12.99 -23.69
CA VAL B 95 1.44 12.39 -22.93
C VAL B 95 0.97 12.03 -21.52
N GLY B 96 1.28 10.80 -21.09
CA GLY B 96 0.83 10.35 -19.78
C GLY B 96 0.76 8.84 -19.64
N TRP B 97 0.42 8.38 -18.45
CA TRP B 97 0.46 6.96 -18.11
C TRP B 97 -0.87 6.42 -17.59
N SER B 98 -1.94 7.19 -17.81
CA SER B 98 -3.31 6.74 -17.53
C SER B 98 -4.24 7.57 -18.41
N SER B 99 -5.25 6.95 -18.99
CA SER B 99 -6.05 7.67 -19.98
C SER B 99 -7.50 7.25 -20.06
N THR B 100 -8.28 8.12 -20.70
CA THR B 100 -9.63 7.81 -21.15
C THR B 100 -9.90 8.76 -22.32
N SER B 101 -10.92 8.44 -23.11
CA SER B 101 -11.28 9.26 -24.26
C SER B 101 -12.68 8.88 -24.70
N CYS B 102 -13.42 9.85 -25.24
CA CYS B 102 -14.76 9.59 -25.75
C CYS B 102 -15.24 10.73 -26.62
N HIS B 103 -16.21 10.46 -27.49
CA HIS B 103 -16.74 11.44 -28.41
C HIS B 103 -18.18 11.81 -28.03
N ASP B 104 -18.48 13.11 -27.99
CA ASP B 104 -19.81 13.56 -27.56
C ASP B 104 -20.79 13.70 -28.71
N GLY B 105 -20.37 13.29 -29.90
CA GLY B 105 -21.19 13.43 -31.09
C GLY B 105 -20.71 14.56 -31.99
N ILE B 106 -20.06 15.55 -31.38
CA ILE B 106 -19.50 16.67 -32.12
C ILE B 106 -17.97 16.75 -32.01
N GLY B 107 -17.45 16.52 -30.80
CA GLY B 107 -16.02 16.58 -30.57
C GLY B 107 -15.52 15.46 -29.68
N ARG B 108 -14.24 15.12 -29.79
CA ARG B 108 -13.67 14.08 -28.94
C ARG B 108 -12.95 14.67 -27.74
N MET B 109 -13.26 14.18 -26.55
CA MET B 109 -12.51 14.53 -25.35
C MET B 109 -11.51 13.43 -25.04
N THR B 110 -10.30 13.82 -24.66
CA THR B 110 -9.23 12.88 -24.38
C THR B 110 -8.48 13.35 -23.14
N ILE B 111 -8.13 12.40 -22.26
CA ILE B 111 -7.45 12.74 -21.01
C ILE B 111 -6.23 11.86 -20.80
N CYS B 112 -5.09 12.49 -20.50
CA CYS B 112 -3.88 11.78 -20.12
C CYS B 112 -3.41 12.31 -18.79
N VAL B 113 -3.08 11.42 -17.86
CA VAL B 113 -2.50 11.87 -16.59
C VAL B 113 -1.00 11.67 -16.63
N GLN B 114 -0.25 12.70 -16.30
CA GLN B 114 1.21 12.67 -16.44
C GLN B 114 1.92 13.14 -15.17
N GLY B 115 3.25 13.05 -15.17
CA GLY B 115 4.05 13.57 -14.06
C GLY B 115 4.43 12.57 -12.99
N ASN B 116 5.07 13.07 -11.94
CA ASN B 116 5.49 12.25 -10.80
C ASN B 116 4.31 11.64 -10.05
N ASN B 117 4.59 10.58 -9.29
CA ASN B 117 3.53 9.87 -8.55
C ASN B 117 2.79 10.75 -7.53
N ASP B 118 3.51 11.62 -6.83
CA ASP B 118 2.89 12.44 -5.78
C ASP B 118 2.40 13.80 -6.28
N ASN B 119 2.73 14.13 -7.52
CA ASN B 119 2.43 15.45 -8.07
C ASN B 119 1.98 15.33 -9.52
N ALA B 120 1.04 14.43 -9.78
CA ALA B 120 0.56 14.19 -11.14
C ALA B 120 -0.50 15.20 -11.60
N THR B 121 -0.60 15.37 -12.92
CA THR B 121 -1.52 16.32 -13.52
C THR B 121 -2.27 15.65 -14.66
N ALA B 122 -3.59 15.74 -14.64
CA ALA B 122 -4.39 15.28 -15.77
C ALA B 122 -4.46 16.38 -16.82
N THR B 123 -4.14 16.02 -18.06
CA THR B 123 -4.26 16.95 -19.17
C THR B 123 -5.52 16.60 -19.96
N VAL B 124 -6.39 17.59 -20.16
CA VAL B 124 -7.67 17.36 -20.83
C VAL B 124 -7.74 18.05 -22.20
N TYR B 125 -8.14 17.31 -23.22
CA TYR B 125 -8.23 17.85 -24.56
C TYR B 125 -9.66 17.78 -25.06
N TYR B 126 -10.06 18.75 -25.86
CA TYR B 126 -11.31 18.68 -26.60
C TYR B 126 -11.01 19.08 -28.03
N ASP B 127 -11.41 18.24 -28.99
CA ASP B 127 -11.10 18.45 -30.39
C ASP B 127 -9.59 18.64 -30.60
N ARG B 128 -8.81 17.84 -29.87
CA ARG B 128 -7.35 17.82 -29.98
C ARG B 128 -6.65 19.11 -29.53
N ARG B 129 -7.36 19.94 -28.78
CA ARG B 129 -6.75 21.12 -28.17
C ARG B 129 -6.84 21.03 -26.65
N LEU B 130 -5.76 21.40 -25.98
CA LEU B 130 -5.72 21.45 -24.52
C LEU B 130 -6.79 22.39 -23.98
N THR B 131 -7.67 21.88 -23.10
CA THR B 131 -8.74 22.70 -22.55
C THR B 131 -8.54 23.02 -21.06
N THR B 132 -8.21 22.00 -20.27
CA THR B 132 -7.91 22.21 -18.85
C THR B 132 -6.93 21.19 -18.28
N THR B 133 -6.50 21.46 -17.05
CA THR B 133 -5.62 20.59 -16.31
C THR B 133 -6.26 20.35 -14.95
N ILE B 134 -6.11 19.13 -14.43
CA ILE B 134 -6.60 18.81 -13.09
C ILE B 134 -5.45 18.25 -12.25
N LYS B 135 -5.02 19.03 -11.27
CA LYS B 135 -3.92 18.64 -10.40
C LYS B 135 -4.39 17.53 -9.46
N THR B 136 -3.45 16.66 -9.05
CA THR B 136 -3.74 15.62 -8.08
C THR B 136 -4.38 16.20 -6.82
N TRP B 137 -5.40 15.54 -6.31
CA TRP B 137 -6.09 16.01 -5.10
C TRP B 137 -5.72 15.21 -3.85
N ALA B 138 -5.14 14.03 -4.05
CA ALA B 138 -4.75 13.17 -2.93
C ALA B 138 -3.25 12.89 -2.90
N GLY B 139 -2.54 13.30 -3.94
CA GLY B 139 -1.08 13.19 -3.96
C GLY B 139 -0.51 11.80 -4.14
N ASN B 140 -1.27 10.91 -4.79
CA ASN B 140 -0.81 9.55 -5.03
C ASN B 140 -1.39 8.92 -6.29
N ILE B 141 -0.69 9.13 -7.41
CA ILE B 141 -1.06 8.56 -8.71
C ILE B 141 -2.50 8.84 -9.09
N LEU B 142 -2.79 10.10 -9.40
CA LEU B 142 -4.07 10.47 -10.00
C LEU B 142 -4.22 9.61 -11.25
N ARG B 143 -5.39 9.02 -11.45
CA ARG B 143 -5.53 8.01 -12.50
C ARG B 143 -6.99 7.81 -12.95
N THR B 144 -7.17 7.20 -14.12
CA THR B 144 -8.51 7.04 -14.71
C THR B 144 -8.88 5.64 -15.17
N GLN B 145 -9.82 5.59 -16.11
CA GLN B 145 -10.55 4.38 -16.47
C GLN B 145 -9.79 3.37 -17.33
N GLU B 146 -8.89 3.85 -18.18
CA GLU B 146 -8.20 2.99 -19.17
C GLU B 146 -9.19 2.32 -20.15
N SER B 147 -10.35 2.93 -20.31
CA SER B 147 -11.30 2.58 -21.36
C SER B 147 -12.20 3.78 -21.64
N GLU B 148 -13.06 3.68 -22.64
CA GLU B 148 -13.76 4.87 -23.11
C GLU B 148 -14.74 5.43 -22.08
N CYS B 149 -14.83 6.76 -22.03
CA CYS B 149 -15.86 7.40 -21.23
C CYS B 149 -17.14 7.48 -22.05
N VAL B 150 -18.21 8.05 -21.49
CA VAL B 150 -19.49 8.10 -22.17
C VAL B 150 -20.12 9.48 -22.09
N CYS B 151 -20.72 9.94 -23.19
CA CYS B 151 -21.29 11.28 -23.25
C CYS B 151 -22.79 11.26 -23.51
N HIS B 152 -23.46 12.34 -23.11
CA HIS B 152 -24.89 12.50 -23.31
C HIS B 152 -25.26 13.98 -23.23
N ASN B 153 -26.00 14.45 -24.22
CA ASN B 153 -26.44 15.85 -24.27
C ASN B 153 -25.29 16.83 -24.06
N GLY B 154 -24.11 16.51 -24.59
CA GLY B 154 -22.98 17.40 -24.49
C GLY B 154 -22.10 17.22 -23.27
N THR B 155 -22.53 16.36 -22.35
CA THR B 155 -21.79 16.11 -21.12
C THR B 155 -21.20 14.69 -21.08
N CYS B 156 -19.93 14.58 -20.74
CA CYS B 156 -19.25 13.28 -20.62
C CYS B 156 -18.86 12.96 -19.17
N VAL B 157 -19.18 11.78 -18.69
CA VAL B 157 -18.76 11.33 -17.36
C VAL B 157 -17.41 10.65 -17.39
N VAL B 158 -16.57 10.98 -16.40
CA VAL B 158 -15.28 10.33 -16.23
C VAL B 158 -15.08 9.96 -14.76
N ILE B 159 -14.65 8.73 -14.49
CA ILE B 159 -14.34 8.30 -13.14
C ILE B 159 -12.83 8.38 -12.92
N MET B 160 -12.40 9.15 -11.92
CA MET B 160 -10.99 9.24 -11.57
C MET B 160 -10.77 8.90 -10.10
N THR B 161 -9.59 8.34 -9.80
CA THR B 161 -9.22 7.99 -8.43
C THR B 161 -7.84 8.56 -8.10
N ASP B 162 -7.67 9.02 -6.86
CA ASP B 162 -6.37 9.47 -6.38
C ASP B 162 -6.16 8.96 -4.96
N GLY B 163 -4.97 8.44 -4.68
CA GLY B 163 -4.68 7.90 -3.37
C GLY B 163 -4.24 6.45 -3.42
N SER B 164 -4.24 5.80 -2.26
CA SER B 164 -3.76 4.43 -2.13
C SER B 164 -4.55 3.43 -2.96
N ALA B 165 -3.85 2.47 -3.57
CA ALA B 165 -4.51 1.44 -4.36
C ALA B 165 -4.82 0.20 -3.52
N SER B 166 -4.36 0.18 -2.28
CA SER B 166 -4.54 -0.98 -1.40
C SER B 166 -5.35 -0.65 -0.16
N SER B 167 -5.79 0.60 -0.03
CA SER B 167 -6.68 1.01 1.06
C SER B 167 -7.63 2.10 0.56
N GLN B 168 -8.22 2.85 1.48
CA GLN B 168 -9.18 3.88 1.09
C GLN B 168 -8.53 4.96 0.24
N ALA B 169 -9.23 5.33 -0.85
CA ALA B 169 -8.73 6.35 -1.75
C ALA B 169 -9.83 7.37 -2.02
N TYR B 170 -9.52 8.39 -2.82
CA TYR B 170 -10.49 9.44 -3.11
C TYR B 170 -10.94 9.41 -4.57
N THR B 171 -12.10 8.80 -4.79
CA THR B 171 -12.67 8.68 -6.13
C THR B 171 -13.64 9.82 -6.41
N LYS B 172 -13.51 10.40 -7.60
CA LYS B 172 -14.44 11.44 -8.01
C LYS B 172 -15.12 11.09 -9.33
N VAL B 173 -16.38 11.54 -9.46
CA VAL B 173 -17.11 11.42 -10.71
C VAL B 173 -17.16 12.80 -11.35
N LEU B 174 -16.53 12.95 -12.51
CA LEU B 174 -16.40 14.26 -13.15
C LEU B 174 -17.27 14.37 -14.39
N TYR B 175 -17.92 15.52 -14.54
CA TYR B 175 -18.75 15.79 -15.69
C TYR B 175 -18.10 16.89 -16.51
N PHE B 176 -17.89 16.62 -17.80
CA PHE B 176 -17.19 17.55 -18.67
C PHE B 176 -18.10 18.05 -19.79
N HIS B 177 -17.96 19.33 -20.14
CA HIS B 177 -18.56 19.83 -21.36
C HIS B 177 -17.46 20.51 -22.17
N LYS B 178 -17.23 20.01 -23.37
CA LYS B 178 -16.17 20.53 -24.24
C LYS B 178 -14.81 20.53 -23.53
N GLY B 179 -14.54 19.49 -22.75
CA GLY B 179 -13.26 19.36 -22.08
C GLY B 179 -13.06 20.26 -20.87
N LEU B 180 -14.17 20.78 -20.34
CA LEU B 180 -14.14 21.59 -19.12
C LEU B 180 -15.03 20.93 -18.05
N VAL B 181 -14.54 20.87 -16.82
CA VAL B 181 -15.33 20.35 -15.70
C VAL B 181 -16.50 21.29 -15.41
N ILE B 182 -17.72 20.77 -15.45
CA ILE B 182 -18.90 21.57 -15.13
C ILE B 182 -19.55 21.08 -13.84
N LYS B 183 -19.10 19.92 -13.36
CA LYS B 183 -19.58 19.38 -12.10
C LYS B 183 -18.69 18.24 -11.65
N GLU B 184 -18.40 18.22 -10.36
CA GLU B 184 -17.65 17.12 -9.76
C GLU B 184 -18.44 16.64 -8.55
N GLU B 185 -18.38 15.33 -8.30
CA GLU B 185 -18.94 14.80 -7.06
C GLU B 185 -18.10 13.65 -6.55
N ALA B 186 -17.79 13.70 -5.26
CA ALA B 186 -17.06 12.63 -4.61
C ALA B 186 -17.86 11.33 -4.67
N LEU B 187 -17.16 10.20 -4.68
CA LEU B 187 -17.81 8.90 -4.70
C LEU B 187 -18.86 8.74 -3.60
N LYS B 188 -20.04 8.26 -3.98
CA LYS B 188 -21.14 8.01 -3.06
C LYS B 188 -21.54 6.54 -3.16
N GLY B 189 -22.27 6.03 -2.18
CA GLY B 189 -22.71 4.64 -2.20
C GLY B 189 -21.85 3.73 -1.33
N SER B 190 -21.93 2.42 -1.57
CA SER B 190 -21.26 1.46 -0.70
C SER B 190 -19.97 0.84 -1.26
N ALA B 191 -19.64 1.14 -2.51
CA ALA B 191 -18.35 0.69 -3.05
C ALA B 191 -17.21 1.24 -2.19
N ARG B 192 -16.41 0.34 -1.63
CA ARG B 192 -15.31 0.73 -0.76
C ARG B 192 -14.18 1.37 -1.55
N HIS B 193 -13.97 0.87 -2.76
CA HIS B 193 -12.80 1.26 -3.55
C HIS B 193 -13.08 1.17 -5.05
N ILE B 194 -12.60 2.17 -5.79
CA ILE B 194 -12.88 2.25 -7.23
C ILE B 194 -11.62 2.44 -8.06
N GLU B 195 -11.41 1.52 -9.01
CA GLU B 195 -10.32 1.63 -9.97
C GLU B 195 -10.82 1.27 -11.37
N GLU B 196 -10.29 1.96 -12.38
CA GLU B 196 -10.37 1.53 -13.78
C GLU B 196 -11.76 1.11 -14.27
N CYS B 197 -12.71 2.05 -14.21
CA CYS B 197 -14.10 1.74 -14.58
C CYS B 197 -14.32 1.51 -16.07
N SER B 198 -15.09 0.47 -16.39
CA SER B 198 -15.53 0.22 -17.75
C SER B 198 -16.99 0.65 -17.85
N CYS B 199 -17.25 1.69 -18.64
CA CYS B 199 -18.59 2.28 -18.69
C CYS B 199 -19.26 2.17 -20.06
N TYR B 200 -20.59 2.21 -20.05
CA TYR B 200 -21.39 2.19 -21.27
C TYR B 200 -22.70 2.95 -21.05
N GLY B 201 -23.25 3.50 -22.12
CA GLY B 201 -24.47 4.31 -22.02
C GLY B 201 -25.72 3.61 -22.51
N HIS B 202 -26.86 4.06 -21.98
CA HIS B 202 -28.15 3.49 -22.31
C HIS B 202 -29.22 4.35 -21.66
N ASN B 203 -30.23 4.74 -22.45
CA ASN B 203 -31.37 5.51 -21.95
C ASN B 203 -31.03 6.59 -20.94
N SER B 204 -30.17 7.52 -21.34
CA SER B 204 -29.79 8.68 -20.52
C SER B 204 -29.12 8.30 -19.21
N LYS B 205 -28.57 7.10 -19.16
CA LYS B 205 -27.80 6.65 -18.01
C LYS B 205 -26.45 6.09 -18.44
N VAL B 206 -25.48 6.14 -17.53
CA VAL B 206 -24.21 5.48 -17.75
C VAL B 206 -24.03 4.45 -16.64
N THR B 207 -23.66 3.23 -17.02
CA THR B 207 -23.38 2.17 -16.06
C THR B 207 -21.90 1.82 -16.11
N CYS B 208 -21.25 1.81 -14.95
CA CYS B 208 -19.82 1.52 -14.88
C CYS B 208 -19.55 0.28 -14.04
N VAL B 209 -18.83 -0.68 -14.62
CA VAL B 209 -18.37 -1.85 -13.87
C VAL B 209 -16.88 -1.69 -13.61
N CYS B 210 -16.49 -1.70 -12.33
CA CYS B 210 -15.15 -1.26 -11.96
C CYS B 210 -14.32 -2.32 -11.24
N ARG B 211 -13.26 -1.86 -10.59
CA ARG B 211 -12.30 -2.74 -9.96
C ARG B 211 -12.05 -2.38 -8.50
N ASP B 212 -12.40 -3.26 -7.59
CA ASP B 212 -12.07 -3.08 -6.18
C ASP B 212 -10.68 -3.66 -5.96
N ASN B 213 -9.70 -2.78 -5.79
CA ASN B 213 -8.31 -3.21 -5.61
C ASN B 213 -7.91 -3.36 -4.14
N TRP B 214 -8.89 -3.22 -3.26
CA TRP B 214 -8.64 -3.25 -1.82
C TRP B 214 -9.09 -4.59 -1.23
N GLN B 215 -10.40 -4.80 -1.16
CA GLN B 215 -10.94 -5.95 -0.45
C GLN B 215 -11.70 -6.94 -1.34
N GLY B 216 -12.38 -6.42 -2.36
CA GLY B 216 -13.39 -7.21 -3.06
C GLY B 216 -13.00 -8.01 -4.29
N ALA B 217 -13.47 -9.25 -4.34
CA ALA B 217 -13.34 -10.08 -5.53
C ALA B 217 -14.62 -9.98 -6.35
N ASN B 218 -15.64 -9.34 -5.77
CA ASN B 218 -16.81 -8.94 -6.54
C ASN B 218 -16.62 -7.52 -7.05
N ARG B 219 -17.05 -7.25 -8.27
CA ARG B 219 -16.79 -5.95 -8.88
C ARG B 219 -17.76 -4.87 -8.40
N PRO B 220 -17.22 -3.70 -8.03
CA PRO B 220 -18.07 -2.55 -7.68
C PRO B 220 -18.75 -1.97 -8.91
N VAL B 221 -19.91 -1.34 -8.71
CA VAL B 221 -20.70 -0.80 -9.81
C VAL B 221 -21.15 0.63 -9.51
N ILE B 222 -20.97 1.52 -10.48
CA ILE B 222 -21.45 2.89 -10.37
C ILE B 222 -22.59 3.13 -11.36
N GLU B 223 -23.70 3.69 -10.88
CA GLU B 223 -24.84 4.01 -11.73
C GLU B 223 -25.00 5.54 -11.83
N ILE B 224 -25.08 6.05 -13.05
CA ILE B 224 -25.10 7.49 -13.26
C ILE B 224 -26.33 7.97 -14.03
N ASP B 225 -27.05 8.93 -13.45
CA ASP B 225 -28.15 9.61 -14.14
C ASP B 225 -27.53 10.76 -14.90
N MET B 226 -27.47 10.66 -16.23
CA MET B 226 -26.79 11.68 -17.04
C MET B 226 -27.56 12.99 -17.19
N ASN B 227 -28.87 12.98 -16.94
CA ASN B 227 -29.63 14.22 -16.94
C ASN B 227 -29.48 14.98 -15.62
N ALA B 228 -29.51 14.25 -14.51
CA ALA B 228 -29.35 14.86 -13.20
C ALA B 228 -27.88 15.07 -12.84
N MET B 229 -26.99 14.35 -13.54
CA MET B 229 -25.56 14.34 -13.24
C MET B 229 -25.34 13.95 -11.78
N GLU B 230 -25.94 12.82 -11.41
CA GLU B 230 -25.81 12.26 -10.08
C GLU B 230 -25.49 10.78 -10.22
N HIS B 231 -24.77 10.26 -9.24
CA HIS B 231 -24.40 8.84 -9.27
C HIS B 231 -24.65 8.18 -7.93
N THR B 232 -24.52 6.86 -7.92
CA THR B 232 -24.50 6.10 -6.68
C THR B 232 -23.66 4.85 -6.95
N SER B 233 -23.26 4.15 -5.91
CA SER B 233 -22.43 2.96 -6.11
C SER B 233 -22.85 1.82 -5.22
N GLN B 234 -22.32 0.64 -5.54
CA GLN B 234 -22.82 -0.61 -4.98
C GLN B 234 -21.81 -1.67 -5.39
N TYR B 235 -22.12 -2.93 -5.13
CA TYR B 235 -21.39 -4.04 -5.72
C TYR B 235 -22.33 -4.81 -6.62
N LEU B 236 -21.78 -5.63 -7.51
CA LEU B 236 -22.58 -6.61 -8.22
C LEU B 236 -23.22 -7.52 -7.19
N CYS B 237 -24.44 -7.98 -7.46
CA CYS B 237 -25.13 -8.82 -6.50
C CYS B 237 -24.75 -10.30 -6.58
N THR B 238 -24.28 -10.75 -7.74
CA THR B 238 -23.94 -12.16 -7.94
C THR B 238 -22.92 -12.70 -6.95
N GLY B 239 -23.04 -13.98 -6.65
CA GLY B 239 -22.00 -14.68 -5.91
C GLY B 239 -20.94 -15.19 -6.86
N VAL B 240 -21.22 -15.11 -8.16
CA VAL B 240 -20.23 -15.44 -9.18
C VAL B 240 -19.22 -14.29 -9.27
N LEU B 241 -18.00 -14.54 -8.81
CA LEU B 241 -16.98 -13.50 -8.73
C LEU B 241 -16.25 -13.31 -10.05
N THR B 242 -15.99 -12.06 -10.43
CA THR B 242 -15.40 -11.78 -11.74
C THR B 242 -14.13 -10.91 -11.74
N ASP B 243 -13.60 -10.58 -10.56
CA ASP B 243 -12.28 -9.97 -10.50
C ASP B 243 -11.21 -11.06 -10.46
N THR B 244 -9.94 -10.68 -10.58
CA THR B 244 -8.83 -11.62 -10.46
C THR B 244 -7.74 -10.94 -9.64
N SER B 245 -7.28 -11.55 -8.54
CA SER B 245 -7.67 -12.91 -8.13
C SER B 245 -9.01 -12.94 -7.41
N ARG B 246 -9.48 -14.16 -7.13
CA ARG B 246 -10.77 -14.37 -6.48
C ARG B 246 -10.84 -15.75 -5.86
N PRO B 247 -11.64 -15.90 -4.79
CA PRO B 247 -11.95 -17.23 -4.26
C PRO B 247 -12.99 -17.89 -5.15
N SER B 248 -13.42 -19.09 -4.81
CA SER B 248 -14.44 -19.78 -5.59
C SER B 248 -15.76 -19.04 -5.50
N ASP B 249 -16.66 -19.30 -6.45
CA ASP B 249 -17.95 -18.62 -6.48
C ASP B 249 -18.81 -18.96 -5.26
N LYS B 250 -19.59 -17.99 -4.79
CA LYS B 250 -20.45 -18.18 -3.63
C LYS B 250 -21.88 -18.34 -4.10
N SER B 251 -22.63 -19.17 -3.37
CA SER B 251 -24.04 -19.39 -3.69
C SER B 251 -24.83 -18.09 -3.58
N ILE B 252 -24.39 -17.23 -2.67
CA ILE B 252 -25.06 -15.96 -2.38
C ILE B 252 -24.07 -14.80 -2.41
N GLY B 253 -24.37 -13.77 -3.21
CA GLY B 253 -23.50 -12.61 -3.31
C GLY B 253 -23.80 -11.56 -2.26
N ASP B 254 -23.16 -10.40 -2.38
CA ASP B 254 -23.36 -9.31 -1.44
C ASP B 254 -23.44 -7.98 -2.19
N CYS B 255 -24.64 -7.41 -2.26
CA CYS B 255 -24.88 -6.19 -3.04
C CYS B 255 -24.14 -4.96 -2.48
N ASN B 256 -23.90 -4.94 -1.17
CA ASN B 256 -23.39 -3.73 -0.52
C ASN B 256 -22.08 -3.89 0.23
N ASN B 257 -21.46 -5.06 0.12
CA ASN B 257 -20.17 -5.29 0.76
C ASN B 257 -19.25 -6.13 -0.13
N PRO B 258 -17.93 -5.87 -0.05
CA PRO B 258 -17.01 -6.65 -0.87
C PRO B 258 -16.82 -8.06 -0.32
N ILE B 259 -16.73 -9.04 -1.21
CA ILE B 259 -16.47 -10.42 -0.82
C ILE B 259 -14.97 -10.68 -0.81
N THR B 260 -14.43 -10.97 0.38
CA THR B 260 -12.98 -11.09 0.58
C THR B 260 -12.46 -12.49 0.33
N GLY B 261 -11.18 -12.70 0.62
CA GLY B 261 -10.59 -14.02 0.49
C GLY B 261 -9.77 -14.23 -0.78
N SER B 262 -9.40 -13.13 -1.44
CA SER B 262 -8.59 -13.20 -2.65
C SER B 262 -7.20 -13.76 -2.34
N PRO B 263 -6.79 -14.78 -3.10
CA PRO B 263 -5.51 -15.51 -2.92
C PRO B 263 -4.28 -14.62 -3.06
N GLY B 264 -4.20 -13.83 -4.13
CA GLY B 264 -3.01 -13.03 -4.39
C GLY B 264 -3.28 -11.68 -5.01
N ALA B 265 -3.31 -11.62 -6.34
CA ALA B 265 -3.51 -10.36 -7.06
C ALA B 265 -4.77 -9.63 -6.64
N PRO B 266 -4.63 -8.35 -6.28
CA PRO B 266 -5.74 -7.54 -5.75
C PRO B 266 -6.81 -7.18 -6.77
N GLY B 267 -6.53 -7.34 -8.07
CA GLY B 267 -7.52 -7.00 -9.06
C GLY B 267 -7.03 -6.91 -10.50
N VAL B 268 -7.97 -6.78 -11.42
CA VAL B 268 -7.70 -6.57 -12.83
C VAL B 268 -8.89 -5.81 -13.41
N LYS B 269 -8.66 -4.97 -14.39
CA LYS B 269 -9.76 -4.23 -15.02
C LYS B 269 -10.69 -5.18 -15.79
N GLY B 270 -11.97 -5.07 -15.51
CA GLY B 270 -12.98 -5.89 -16.16
C GLY B 270 -14.21 -5.07 -16.48
N PHE B 271 -15.25 -5.73 -16.97
CA PHE B 271 -16.45 -5.03 -17.39
C PHE B 271 -17.66 -5.93 -17.22
N GLY B 272 -18.84 -5.36 -17.47
CA GLY B 272 -20.06 -6.12 -17.50
C GLY B 272 -21.18 -5.31 -18.13
N PHE B 273 -22.18 -6.00 -18.65
CA PHE B 273 -23.37 -5.35 -19.16
C PHE B 273 -24.57 -5.80 -18.36
N LEU B 274 -25.18 -4.85 -17.65
CA LEU B 274 -26.30 -5.14 -16.77
C LEU B 274 -27.63 -4.81 -17.46
N ASP B 275 -28.47 -5.83 -17.65
CA ASP B 275 -29.74 -5.66 -18.35
C ASP B 275 -30.65 -6.84 -18.06
N SER B 276 -30.95 -7.04 -16.78
CA SER B 276 -31.86 -8.10 -16.35
C SER B 276 -31.43 -9.46 -16.87
N GLY B 277 -32.30 -10.10 -17.64
CA GLY B 277 -31.98 -11.38 -18.23
C GLY B 277 -30.85 -11.30 -19.24
N ASN B 278 -30.72 -10.14 -19.88
CA ASN B 278 -29.66 -9.91 -20.85
C ASN B 278 -28.40 -9.35 -20.17
N THR B 279 -27.96 -10.03 -19.11
CA THR B 279 -26.79 -9.61 -18.34
C THR B 279 -25.56 -10.50 -18.55
N TRP B 280 -24.48 -9.91 -19.07
CA TRP B 280 -23.24 -10.64 -19.33
C TRP B 280 -22.08 -10.04 -18.54
N LEU B 281 -21.25 -10.90 -17.98
CA LEU B 281 -20.02 -10.45 -17.33
C LEU B 281 -18.83 -11.23 -17.88
N GLY B 282 -17.67 -10.59 -17.94
CA GLY B 282 -16.46 -11.25 -18.35
C GLY B 282 -15.56 -11.54 -17.16
N ARG B 283 -14.74 -12.58 -17.27
CA ARG B 283 -13.73 -12.87 -16.26
C ARG B 283 -12.62 -13.69 -16.88
N THR B 284 -11.45 -13.66 -16.27
CA THR B 284 -10.37 -14.55 -16.65
C THR B 284 -10.80 -15.94 -16.20
N ILE B 285 -10.32 -16.97 -16.88
CA ILE B 285 -10.71 -18.34 -16.52
C ILE B 285 -10.03 -18.78 -15.23
N SER B 286 -8.72 -18.55 -15.14
CA SER B 286 -7.99 -18.72 -13.90
C SER B 286 -8.47 -17.72 -12.85
N PRO B 287 -8.73 -18.19 -11.64
CA PRO B 287 -9.17 -17.29 -10.56
C PRO B 287 -7.97 -16.68 -9.83
N ARG B 288 -6.76 -16.98 -10.28
CA ARG B 288 -5.55 -16.48 -9.63
C ARG B 288 -4.67 -15.64 -10.56
N SER B 289 -4.54 -16.09 -11.81
CA SER B 289 -3.68 -15.41 -12.76
C SER B 289 -4.50 -14.88 -13.92
N ARG B 290 -3.87 -14.01 -14.71
CA ARG B 290 -4.53 -13.40 -15.87
C ARG B 290 -4.39 -14.29 -17.10
N SER B 291 -5.06 -15.43 -17.07
CA SER B 291 -5.03 -16.36 -18.18
C SER B 291 -6.43 -16.82 -18.54
N GLY B 292 -6.68 -16.98 -19.83
CA GLY B 292 -8.01 -17.32 -20.32
C GLY B 292 -8.98 -16.16 -20.22
N PHE B 293 -10.08 -16.23 -20.97
CA PHE B 293 -11.16 -15.27 -20.82
C PHE B 293 -12.48 -15.88 -21.27
N GLU B 294 -13.51 -15.66 -20.46
CA GLU B 294 -14.83 -16.19 -20.75
C GLU B 294 -15.92 -15.16 -20.50
N MET B 295 -16.97 -15.24 -21.30
CA MET B 295 -18.17 -14.42 -21.08
C MET B 295 -19.23 -15.26 -20.40
N LEU B 296 -19.79 -14.73 -19.32
CA LEU B 296 -20.79 -15.46 -18.57
C LEU B 296 -22.13 -14.72 -18.62
N LYS B 297 -23.17 -15.42 -19.07
CA LYS B 297 -24.53 -14.86 -19.00
C LYS B 297 -25.11 -15.18 -17.63
N ILE B 298 -25.34 -14.13 -16.85
CA ILE B 298 -25.85 -14.29 -15.49
C ILE B 298 -27.03 -13.35 -15.29
N PRO B 299 -28.24 -13.83 -15.59
CA PRO B 299 -29.46 -13.01 -15.48
C PRO B 299 -29.55 -12.30 -14.14
N ASN B 300 -29.82 -11.00 -14.18
CA ASN B 300 -29.99 -10.19 -12.97
C ASN B 300 -28.82 -10.21 -12.00
N ALA B 301 -27.61 -10.32 -12.54
CA ALA B 301 -26.40 -10.31 -11.74
C ALA B 301 -26.27 -9.02 -10.93
N GLY B 302 -26.86 -7.94 -11.44
CA GLY B 302 -26.76 -6.65 -10.79
C GLY B 302 -27.76 -6.42 -9.67
N THR B 303 -28.78 -7.28 -9.60
CA THR B 303 -29.86 -7.10 -8.63
C THR B 303 -30.14 -8.33 -7.74
N ASP B 304 -29.78 -9.51 -8.22
CA ASP B 304 -30.12 -10.75 -7.53
C ASP B 304 -28.88 -11.47 -6.96
N PRO B 305 -28.80 -11.56 -5.63
CA PRO B 305 -27.68 -12.21 -4.92
C PRO B 305 -27.62 -13.72 -5.14
N ASN B 306 -28.73 -14.31 -5.59
CA ASN B 306 -28.78 -15.74 -5.87
C ASN B 306 -28.61 -16.05 -7.35
N SER B 307 -28.27 -15.04 -8.14
CA SER B 307 -28.14 -15.20 -9.59
C SER B 307 -27.09 -16.23 -9.97
N ARG B 308 -27.36 -16.97 -11.03
CA ARG B 308 -26.55 -18.11 -11.42
C ARG B 308 -26.16 -18.00 -12.90
N ILE B 309 -25.01 -18.54 -13.27
CA ILE B 309 -24.58 -18.62 -14.66
C ILE B 309 -25.55 -19.48 -15.47
N THR B 310 -25.99 -18.99 -16.62
CA THR B 310 -26.90 -19.76 -17.47
C THR B 310 -26.32 -20.07 -18.86
N GLU B 311 -25.35 -19.27 -19.28
CA GLU B 311 -24.66 -19.50 -20.56
C GLU B 311 -23.21 -19.13 -20.38
N ARG B 312 -22.36 -19.69 -21.24
CA ARG B 312 -20.93 -19.40 -21.19
C ARG B 312 -20.32 -19.45 -22.59
N GLN B 313 -19.41 -18.53 -22.86
CA GLN B 313 -18.66 -18.56 -24.10
C GLN B 313 -17.18 -18.30 -23.82
N GLU B 314 -16.34 -19.28 -24.15
CA GLU B 314 -14.91 -19.10 -24.04
C GLU B 314 -14.42 -18.18 -25.15
N ILE B 315 -13.67 -17.15 -24.79
CA ILE B 315 -13.12 -16.23 -25.77
C ILE B 315 -11.63 -16.51 -25.96
N VAL B 316 -10.96 -16.75 -24.84
CA VAL B 316 -9.54 -17.12 -24.84
C VAL B 316 -9.39 -18.32 -23.92
N ASP B 317 -8.88 -19.44 -24.44
CA ASP B 317 -8.73 -20.65 -23.63
C ASP B 317 -7.70 -20.45 -22.53
N ASN B 318 -7.73 -21.32 -21.52
CA ASN B 318 -6.92 -21.12 -20.32
C ASN B 318 -5.44 -21.47 -20.45
N ASN B 319 -5.01 -21.89 -21.65
CA ASN B 319 -3.60 -22.09 -21.91
C ASN B 319 -2.93 -20.84 -22.47
N ASN B 320 -3.69 -19.76 -22.53
CA ASN B 320 -3.19 -18.50 -23.09
C ASN B 320 -3.46 -17.30 -22.19
N TRP B 321 -2.57 -16.32 -22.25
CA TRP B 321 -2.67 -15.14 -21.38
C TRP B 321 -3.74 -14.16 -21.83
N SER B 322 -4.39 -13.53 -20.86
CA SER B 322 -5.36 -12.47 -21.14
C SER B 322 -4.90 -11.21 -20.43
N GLY B 323 -5.82 -10.54 -19.73
CA GLY B 323 -5.49 -9.34 -19.01
C GLY B 323 -6.70 -8.44 -18.90
N TYR B 324 -6.49 -7.14 -19.09
CA TYR B 324 -7.58 -6.17 -19.02
C TYR B 324 -8.70 -6.48 -20.00
N SER B 325 -9.92 -6.10 -19.60
CA SER B 325 -11.07 -6.14 -20.49
C SER B 325 -11.95 -4.93 -20.19
N GLY B 326 -12.58 -4.39 -21.21
CA GLY B 326 -13.42 -3.23 -21.04
C GLY B 326 -14.52 -3.16 -22.07
N SER B 327 -15.50 -2.30 -21.83
CA SER B 327 -16.66 -2.22 -22.70
C SER B 327 -16.57 -1.04 -23.66
N PHE B 328 -17.18 -1.20 -24.82
CA PHE B 328 -17.40 -0.07 -25.72
C PHE B 328 -18.64 -0.32 -26.55
N ILE B 329 -19.19 0.76 -27.11
CA ILE B 329 -20.38 0.66 -27.94
C ILE B 329 -20.27 1.66 -29.09
N ASP B 330 -20.70 1.25 -30.29
CA ASP B 330 -20.85 2.19 -31.39
C ASP B 330 -22.17 2.93 -31.25
N TYR B 331 -22.13 4.08 -30.58
CA TYR B 331 -23.35 4.86 -30.32
C TYR B 331 -23.89 5.57 -31.57
N TRP B 332 -23.23 5.39 -32.70
CA TRP B 332 -23.61 6.12 -33.91
C TRP B 332 -24.04 5.20 -35.04
N ASP B 333 -24.42 3.98 -34.69
CA ASP B 333 -24.98 3.06 -35.67
C ASP B 333 -26.46 3.35 -35.83
N GLU B 334 -26.76 4.28 -36.74
CA GLU B 334 -28.11 4.81 -36.89
C GLU B 334 -29.11 3.80 -37.46
N SER B 335 -28.62 2.73 -38.07
CA SER B 335 -29.50 1.76 -38.73
C SER B 335 -30.03 0.69 -37.78
N SER B 336 -29.51 0.67 -36.55
CA SER B 336 -29.97 -0.26 -35.54
C SER B 336 -30.76 0.44 -34.44
N GLU B 337 -31.86 -0.16 -34.01
CA GLU B 337 -32.73 0.46 -33.02
C GLU B 337 -32.17 0.34 -31.59
N CYS B 338 -31.12 -0.45 -31.43
CA CYS B 338 -30.52 -0.65 -30.11
C CYS B 338 -29.01 -0.47 -30.13
N TYR B 339 -28.42 -0.28 -28.95
CA TYR B 339 -26.97 -0.21 -28.79
C TYR B 339 -26.44 -1.63 -28.61
N ASN B 340 -25.57 -2.07 -29.52
CA ASN B 340 -24.98 -3.39 -29.38
C ASN B 340 -23.74 -3.36 -28.51
N PRO B 341 -23.78 -4.09 -27.38
CA PRO B 341 -22.61 -4.18 -26.49
C PRO B 341 -21.41 -4.75 -27.22
N CYS B 342 -20.25 -4.14 -26.98
CA CYS B 342 -18.99 -4.68 -27.50
C CYS B 342 -17.93 -4.66 -26.39
N PHE B 343 -16.89 -5.46 -26.55
CA PHE B 343 -15.80 -5.42 -25.58
C PHE B 343 -14.47 -5.84 -26.21
N TYR B 344 -13.40 -5.57 -25.47
CA TYR B 344 -12.07 -5.91 -25.92
C TYR B 344 -11.41 -6.70 -24.81
N VAL B 345 -10.44 -7.53 -25.14
CA VAL B 345 -9.62 -8.19 -24.13
C VAL B 345 -8.16 -7.86 -24.43
N GLU B 346 -7.45 -7.32 -23.44
CA GLU B 346 -6.01 -7.08 -23.59
C GLU B 346 -5.27 -8.39 -23.44
N LEU B 347 -4.54 -8.80 -24.46
CA LEU B 347 -3.79 -10.06 -24.39
C LEU B 347 -2.33 -9.78 -24.04
N ILE B 348 -2.00 -9.82 -22.74
CA ILE B 348 -0.67 -9.44 -22.28
C ILE B 348 0.39 -10.51 -22.48
N ARG B 349 1.51 -10.11 -23.07
CA ARG B 349 2.64 -11.02 -23.25
C ARG B 349 3.88 -10.43 -22.61
N GLY B 350 4.85 -11.28 -22.29
CA GLY B 350 6.05 -10.84 -21.61
C GLY B 350 5.89 -10.85 -20.10
N ARG B 351 6.57 -9.92 -19.44
CA ARG B 351 6.65 -9.94 -17.99
C ARG B 351 5.35 -9.51 -17.29
N PRO B 352 5.16 -9.95 -16.03
CA PRO B 352 6.07 -10.77 -15.21
C PRO B 352 5.99 -12.24 -15.58
N GLU B 353 4.90 -12.65 -16.19
CA GLU B 353 4.57 -14.05 -16.33
C GLU B 353 5.46 -14.85 -17.31
N GLU B 354 6.08 -14.14 -18.26
CA GLU B 354 6.96 -14.80 -19.22
C GLU B 354 8.38 -14.25 -19.13
N ALA B 355 8.76 -13.86 -17.92
CA ALA B 355 10.05 -13.25 -17.63
C ALA B 355 11.25 -14.12 -18.02
N LYS B 356 11.05 -15.44 -18.08
CA LYS B 356 12.17 -16.33 -18.42
C LYS B 356 12.50 -16.29 -19.92
N TYR B 357 11.58 -15.76 -20.72
CA TYR B 357 11.76 -15.69 -22.17
C TYR B 357 12.19 -14.29 -22.63
N VAL B 358 11.74 -13.29 -21.89
CA VAL B 358 11.71 -11.94 -22.44
C VAL B 358 11.84 -10.86 -21.37
N TRP B 359 12.37 -9.70 -21.77
CA TRP B 359 12.57 -8.58 -20.84
C TRP B 359 11.50 -7.48 -20.98
N TRP B 360 10.60 -7.63 -21.94
CA TRP B 360 9.57 -6.64 -22.20
C TRP B 360 8.19 -7.12 -21.78
N THR B 361 7.22 -6.22 -21.73
CA THR B 361 5.81 -6.63 -21.73
C THR B 361 5.00 -5.73 -22.64
N SER B 362 4.12 -6.37 -23.39
CA SER B 362 3.29 -5.66 -24.35
C SER B 362 2.06 -6.52 -24.58
N ASN B 363 1.09 -5.98 -25.29
CA ASN B 363 -0.15 -6.70 -25.47
C ASN B 363 -0.58 -6.67 -26.92
N SER B 364 -1.39 -7.65 -27.30
CA SER B 364 -2.18 -7.50 -28.51
C SER B 364 -3.62 -7.29 -28.05
N LEU B 365 -4.56 -7.32 -28.98
CA LEU B 365 -5.94 -6.99 -28.66
C LEU B 365 -6.90 -7.84 -29.47
N VAL B 366 -8.01 -8.24 -28.86
CA VAL B 366 -9.11 -8.85 -29.60
C VAL B 366 -10.41 -8.14 -29.21
N ALA B 367 -11.17 -7.70 -30.21
CA ALA B 367 -12.41 -6.98 -29.95
C ALA B 367 -13.62 -7.79 -30.39
N LEU B 368 -14.64 -7.82 -29.53
CA LEU B 368 -15.85 -8.61 -29.76
C LEU B 368 -17.09 -7.70 -29.75
N CYS B 369 -18.09 -8.03 -30.55
CA CYS B 369 -19.40 -7.40 -30.43
C CYS B 369 -20.48 -8.48 -30.32
N GLY B 370 -21.63 -8.13 -29.75
CA GLY B 370 -22.67 -9.12 -29.51
C GLY B 370 -23.51 -9.46 -30.72
N SER B 371 -24.14 -10.63 -30.67
CA SER B 371 -25.11 -11.04 -31.68
C SER B 371 -26.40 -11.42 -30.96
N PRO B 372 -27.55 -11.02 -31.52
CA PRO B 372 -28.86 -11.30 -30.91
C PRO B 372 -29.25 -12.75 -31.15
N VAL B 373 -28.43 -13.47 -31.89
CA VAL B 373 -28.73 -14.83 -32.33
C VAL B 373 -27.55 -15.76 -32.03
N PRO B 374 -27.84 -17.03 -31.72
CA PRO B 374 -26.81 -18.02 -31.38
C PRO B 374 -25.63 -18.00 -32.34
N VAL B 375 -24.41 -18.09 -31.82
CA VAL B 375 -23.20 -18.11 -32.63
C VAL B 375 -22.37 -19.36 -32.39
N GLY B 376 -21.38 -19.59 -33.23
CA GLY B 376 -20.49 -20.73 -33.08
C GLY B 376 -19.47 -20.51 -31.98
N SER B 377 -18.33 -21.20 -32.09
CA SER B 377 -17.29 -21.09 -31.08
C SER B 377 -15.89 -20.97 -31.68
N GLY B 378 -14.95 -20.48 -30.88
CA GLY B 378 -13.58 -20.30 -31.30
C GLY B 378 -12.78 -19.64 -30.19
N SER B 379 -11.49 -19.93 -30.14
CA SER B 379 -10.58 -19.30 -29.18
C SER B 379 -9.68 -18.33 -29.95
N PHE B 380 -9.50 -17.14 -29.39
CA PHE B 380 -8.70 -16.11 -30.09
C PHE B 380 -7.60 -15.53 -29.21
N PRO B 381 -6.55 -16.33 -28.95
CA PRO B 381 -5.45 -15.90 -28.09
C PRO B 381 -4.46 -15.05 -28.87
N ASP B 382 -3.43 -14.55 -28.18
CA ASP B 382 -2.44 -13.70 -28.83
C ASP B 382 -1.81 -14.38 -30.05
N GLY B 383 -1.33 -15.61 -29.87
CA GLY B 383 -0.85 -16.40 -30.98
C GLY B 383 0.63 -16.28 -31.33
N ALA B 384 1.37 -15.51 -30.54
CA ALA B 384 2.81 -15.41 -30.76
C ALA B 384 3.55 -16.55 -30.09
N GLN B 385 4.68 -16.95 -30.66
CA GLN B 385 5.56 -17.92 -30.02
C GLN B 385 6.61 -17.14 -29.23
N ILE B 386 6.44 -17.03 -27.93
CA ILE B 386 7.33 -16.18 -27.13
C ILE B 386 8.82 -16.56 -27.29
N GLN B 387 9.08 -17.85 -27.53
CA GLN B 387 10.46 -18.34 -27.71
C GLN B 387 11.18 -17.63 -28.85
N TYR B 388 10.41 -17.14 -29.83
CA TYR B 388 10.98 -16.44 -30.98
C TYR B 388 11.69 -15.14 -30.57
N PHE B 389 11.37 -14.68 -29.37
CA PHE B 389 11.80 -13.36 -28.90
C PHE B 389 13.01 -13.43 -27.97
N SER B 390 13.42 -14.65 -27.62
CA SER B 390 14.51 -14.85 -26.65
C SER B 390 15.89 -14.62 -27.27
#